data_7KC4
#
_entry.id   7KC4
#
_cell.length_a   1.00
_cell.length_b   1.00
_cell.length_c   1.00
_cell.angle_alpha   90.00
_cell.angle_beta   90.00
_cell.angle_gamma   90.00
#
_symmetry.space_group_name_H-M   'P 1'
#
loop_
_entity.id
_entity.type
_entity.pdbx_description
1 polymer 'Protein Wnt-8a'
2 polymer 'Protein wntless homolog'
3 branched 2-acetamido-2-deoxy-beta-D-glucopyranose-(1-4)-2-acetamido-2-deoxy-beta-D-glucopyranose
4 branched alpha-D-mannopyranose-(1-3)-alpha-D-mannopyranose-(1-3)-[alpha-D-mannopyranose-(1-6)]beta-D-mannopyranose-(1-4)-2-acetamido-2-deoxy-beta-D-glucopyranose-(1-4)-2-acetamido-2-deoxy-beta-D-glucopyranose
5 non-polymer 'PALMITIC ACID'
6 non-polymer '1-CIS-9-OCTADECANOYL-2-CIS-9-HEXADECANOYL PHOSPHATIDYL GLYCEROL'
7 non-polymer 'CHOLESTEROL HEMISUCCINATE'
#
loop_
_entity_poly.entity_id
_entity_poly.type
_entity_poly.pdbx_seq_one_letter_code
_entity_poly.pdbx_strand_id
1 'polypeptide(L)'
;MGNLFMLWAALGICCAAFSASAWSVNNFLITGPKAYLTYTTSVALGAQSGIEECKFQFAWERWNCPENALQLSTHNRLRS
ATRETSFIHAISSAGVMYIITKNCSMGDFENCGCDGSNNGKTGGHGWIWGGCSDNVEFGERISKLFVDSLEKGKDARALM
NLHNNRAGRLAVRATMKRTCKCHGISGSCSIQTCWLQLAEFREMGDYLKAKYDQALKIEMDKRQLRAGNSAEGHWVPAEA
FLPSAEAELIFLEESPDYCTCNSSLGIYGTEGRECLQNSHNTSRWERRSCGRLCTECGLQVEERKTEVISSCNCKFQWCC
TVKCDQCRHVVSKYYCARSPGSAQSLGKGSAGGWSHPQFEK
;
D
2 'polypeptide(L)'
;MAGAIIENMSTKKLCIVGGILLVFQIIAFLVGGLIAPGPTTAVSYMSVKCVDARKNHHKTKWFVPWGPNHCDKIRDIEEA
IPREIEANDIVFSVHIPLPHMEMSPWFQFMLFILQLDIAFKLNNQIRENAEVSMDVSLAYRDDAFAEWTEMAHERVPRKL
KCTFTSPKTPEHEGRYYECDVLPFMEIGSVAHKFYLLNIRLPVNEKKKINVGIGEIKDIRLVGIHQNGGFTKVWFAMKTF
LTPSIFIIMVWYWRRITMMSRPPVLLEKVIFALGISMTFINIPVEWFSIGFDWTWMLLFGDIRQGIFYAMLLSFWIIFCG
EHMMDQHERNHIAGYWKQVGPIAVGSFCLFIFDMCERGVQLTNPFYSIWTTDIGTELAMAFIIVAGICLCLYFLFLCFMV
FQVFRNISGKQSSLPAMSKVRRLHYEGLIFRFKFLMLITLACAAMTVIFFIVSQVTEGHWKWGGVTVQVNSAFFTGIYGM
WNLYVFALMFLYAPSHKNYGEDQSNGDLGVHSGEELQLTTTITHVDGPTEIYKLTRKEAQEAENLYFQSHHHHHHHHHHD
YKDDDDK
;
B
#
loop_
_chem_comp.id
_chem_comp.type
_chem_comp.name
_chem_comp.formula
BMA D-saccharide, beta linking beta-D-mannopyranose 'C6 H12 O6'
DR9 non-polymer '1-CIS-9-OCTADECANOYL-2-CIS-9-HEXADECANOYL PHOSPHATIDYL GLYCEROL' 'C40 H75 O10 P'
MAN D-saccharide, alpha linking alpha-D-mannopyranose 'C6 H12 O6'
NAG D-saccharide, beta linking 2-acetamido-2-deoxy-beta-D-glucopyranose 'C8 H15 N O6'
PLM non-polymer 'PALMITIC ACID' 'C16 H32 O2'
Y01 non-polymer 'CHOLESTEROL HEMISUCCINATE' 'C31 H50 O4'
#
# COMPACT_ATOMS: atom_id res chain seq x y z
N ALA A 22 -18.38 18.85 27.82
CA ALA A 22 -19.12 18.23 26.73
C ALA A 22 -18.46 16.92 26.31
N TRP A 23 -17.14 16.96 26.14
CA TRP A 23 -16.37 15.80 25.68
C TRP A 23 -15.87 14.96 26.85
N SER A 24 -16.78 14.57 27.73
CA SER A 24 -16.45 13.79 28.91
C SER A 24 -17.00 12.38 28.76
N VAL A 25 -16.43 11.45 29.53
CA VAL A 25 -16.84 10.06 29.45
C VAL A 25 -18.28 9.89 29.90
N ASN A 26 -18.70 10.66 30.92
CA ASN A 26 -20.08 10.60 31.36
C ASN A 26 -21.03 11.09 30.29
N ASN A 27 -20.68 12.20 29.63
CA ASN A 27 -21.53 12.72 28.55
C ASN A 27 -21.58 11.76 27.37
N PHE A 28 -20.44 11.15 27.03
CA PHE A 28 -20.42 10.18 25.94
C PHE A 28 -21.24 8.95 26.28
N LEU A 29 -21.43 8.67 27.58
CA LEU A 29 -22.23 7.51 27.98
C LEU A 29 -23.73 7.80 27.87
N ILE A 30 -24.20 8.81 28.61
CA ILE A 30 -25.63 9.14 28.58
C ILE A 30 -26.01 9.66 27.20
N THR A 31 -25.26 10.62 26.67
CA THR A 31 -25.51 11.17 25.35
C THR A 31 -24.58 10.50 24.34
N GLY A 32 -24.87 9.23 24.07
CA GLY A 32 -24.06 8.44 23.17
C GLY A 32 -24.84 7.33 22.51
N PRO A 33 -24.35 6.85 21.37
CA PRO A 33 -25.06 5.79 20.64
C PRO A 33 -25.00 4.46 21.38
N LYS A 34 -26.00 3.63 21.11
CA LYS A 34 -26.04 2.27 21.62
C LYS A 34 -25.32 1.31 20.67
N ALA A 35 -25.14 0.08 21.13
CA ALA A 35 -24.48 -1.00 20.41
C ALA A 35 -22.99 -0.77 20.28
N TYR A 36 -22.52 0.40 20.74
CA TYR A 36 -21.09 0.71 20.87
C TYR A 36 -20.91 1.26 22.27
N LEU A 37 -20.73 0.37 23.24
CA LEU A 37 -20.63 0.77 24.65
C LEU A 37 -19.23 0.60 25.22
N THR A 38 -18.41 -0.29 24.65
CA THR A 38 -17.05 -0.46 25.12
C THR A 38 -16.10 0.56 24.54
N TYR A 39 -16.55 1.39 23.60
CA TYR A 39 -15.73 2.41 22.98
C TYR A 39 -15.75 3.73 23.73
N THR A 40 -16.69 3.92 24.67
CA THR A 40 -16.88 5.23 25.28
C THR A 40 -15.66 5.67 26.08
N THR A 41 -14.93 4.71 26.66
CA THR A 41 -13.70 5.06 27.36
C THR A 41 -12.65 5.59 26.40
N SER A 42 -12.56 4.99 25.21
CA SER A 42 -11.58 5.44 24.23
C SER A 42 -12.04 6.72 23.52
N VAL A 43 -13.35 6.91 23.37
CA VAL A 43 -13.84 8.12 22.69
C VAL A 43 -13.51 9.36 23.51
N ALA A 44 -13.79 9.33 24.81
CA ALA A 44 -13.44 10.45 25.67
C ALA A 44 -11.93 10.63 25.76
N LEU A 45 -11.20 9.52 25.74
CA LEU A 45 -9.74 9.58 25.78
C LEU A 45 -9.18 10.25 24.54
N GLY A 46 -9.73 9.94 23.37
CA GLY A 46 -9.29 10.60 22.15
C GLY A 46 -9.63 12.08 22.13
N ALA A 47 -10.81 12.44 22.65
CA ALA A 47 -11.16 13.85 22.74
C ALA A 47 -10.17 14.61 23.62
N GLN A 48 -9.65 13.95 24.65
CA GLN A 48 -8.62 14.57 25.48
C GLN A 48 -7.31 14.71 24.71
N SER A 49 -7.02 13.76 23.81
CA SER A 49 -5.81 13.85 23.01
C SER A 49 -5.87 15.05 22.06
N GLY A 50 -7.05 15.33 21.51
CA GLY A 50 -7.20 16.52 20.68
C GLY A 50 -7.07 17.80 21.48
N ILE A 51 -7.58 17.79 22.71
CA ILE A 51 -7.51 19.00 23.54
C ILE A 51 -6.06 19.33 23.89
N GLU A 52 -5.28 18.33 24.30
CA GLU A 52 -3.89 18.60 24.64
C GLU A 52 -3.07 18.99 23.42
N GLU A 53 -3.46 18.52 22.23
CA GLU A 53 -2.87 19.04 21.00
C GLU A 53 -3.32 20.47 20.75
N CYS A 54 -4.59 20.77 21.01
CA CYS A 54 -5.09 22.13 20.85
C CYS A 54 -4.42 23.07 21.84
N LYS A 55 -4.13 22.59 23.04
CA LYS A 55 -3.40 23.40 24.01
C LYS A 55 -1.99 23.70 23.52
N PHE A 56 -1.33 22.71 22.91
CA PHE A 56 0.00 22.92 22.38
C PHE A 56 0.00 23.92 21.23
N GLN A 57 -0.97 23.80 20.31
CA GLN A 57 -1.02 24.68 19.16
C GLN A 57 -1.31 26.12 19.55
N PHE A 58 -1.91 26.35 20.71
CA PHE A 58 -2.30 27.68 21.14
C PHE A 58 -1.52 28.15 22.36
N ALA A 59 -0.37 27.52 22.63
CA ALA A 59 0.40 27.85 23.84
C ALA A 59 1.00 29.25 23.79
N TRP A 60 1.19 29.81 22.59
CA TRP A 60 1.81 31.12 22.44
C TRP A 60 0.82 32.22 22.06
N GLU A 61 -0.47 31.95 22.13
CA GLU A 61 -1.50 32.89 21.72
C GLU A 61 -2.21 33.46 22.94
N ARG A 62 -3.15 34.38 22.68
CA ARG A 62 -3.95 34.97 23.74
C ARG A 62 -4.99 34.03 24.31
N TRP A 63 -5.22 32.88 23.66
CA TRP A 63 -6.19 31.89 24.10
C TRP A 63 -5.48 30.53 24.09
N ASN A 64 -5.10 30.04 25.27
CA ASN A 64 -4.30 28.82 25.36
C ASN A 64 -5.17 27.57 25.49
N CYS A 65 -6.18 27.47 24.62
CA CYS A 65 -7.12 26.34 24.57
C CYS A 65 -7.49 25.84 25.96
N PRO A 66 -7.94 26.70 26.87
CA PRO A 66 -8.18 26.25 28.25
C PRO A 66 -9.31 25.23 28.32
N GLU A 67 -9.19 24.32 29.30
CA GLU A 67 -10.19 23.27 29.48
C GLU A 67 -11.53 23.82 29.97
N ASN A 68 -11.57 25.09 30.41
CA ASN A 68 -12.84 25.66 30.82
C ASN A 68 -13.82 25.76 29.65
N ALA A 69 -13.32 26.12 28.46
CA ALA A 69 -14.18 26.25 27.29
C ALA A 69 -14.40 24.90 26.63
N LEU A 70 -14.78 23.91 27.43
CA LEU A 70 -15.17 22.59 26.95
C LEU A 70 -16.51 22.15 27.52
N GLN A 71 -16.79 22.46 28.79
CA GLN A 71 -18.08 22.19 29.40
C GLN A 71 -18.90 23.44 29.63
N LEU A 72 -18.25 24.58 29.90
CA LEU A 72 -18.92 25.86 30.00
C LEU A 72 -19.17 26.50 28.63
N SER A 73 -18.66 25.90 27.56
CA SER A 73 -18.86 26.40 26.21
C SER A 73 -20.09 25.82 25.53
N THR A 74 -20.85 24.96 26.24
CA THR A 74 -22.04 24.37 25.65
C THR A 74 -23.19 25.37 25.60
N HIS A 75 -23.60 25.87 26.77
CA HIS A 75 -24.65 26.89 26.82
C HIS A 75 -24.06 28.24 26.44
N ASN A 76 -24.92 29.26 26.38
CA ASN A 76 -24.55 30.58 25.88
C ASN A 76 -23.92 30.47 24.50
N ARG A 77 -24.60 29.73 23.62
CA ARG A 77 -24.06 29.41 22.30
C ARG A 77 -23.79 30.66 21.48
N LEU A 78 -24.59 31.71 21.67
CA LEU A 78 -24.37 32.94 20.92
C LEU A 78 -23.03 33.56 21.26
N ARG A 79 -22.65 33.56 22.53
CA ARG A 79 -21.37 34.10 22.97
C ARG A 79 -20.28 33.04 23.04
N SER A 80 -20.57 31.80 22.67
CA SER A 80 -19.58 30.74 22.62
C SER A 80 -19.35 30.22 21.21
N ALA A 81 -19.94 30.88 20.21
CA ALA A 81 -19.75 30.49 18.80
C ALA A 81 -18.59 31.24 18.17
N THR A 82 -17.42 31.15 18.79
CA THR A 82 -16.26 31.89 18.34
C THR A 82 -15.40 31.03 17.41
N ARG A 83 -14.32 31.65 16.90
CA ARG A 83 -13.37 30.92 16.06
C ARG A 83 -12.64 29.84 16.86
N GLU A 84 -12.44 30.06 18.16
CA GLU A 84 -11.68 29.12 18.96
C GLU A 84 -12.46 27.85 19.25
N THR A 85 -13.78 27.95 19.43
CA THR A 85 -14.57 26.75 19.68
C THR A 85 -14.73 25.91 18.43
N SER A 86 -14.58 26.53 17.25
CA SER A 86 -14.56 25.76 16.01
C SER A 86 -13.34 24.84 15.95
N PHE A 87 -12.20 25.35 16.41
CA PHE A 87 -11.01 24.51 16.51
C PHE A 87 -11.20 23.45 17.58
N ILE A 88 -11.92 23.77 18.64
CA ILE A 88 -12.15 22.81 19.73
C ILE A 88 -12.87 21.58 19.20
N HIS A 89 -13.93 21.79 18.43
CA HIS A 89 -14.72 20.67 17.93
C HIS A 89 -13.97 19.85 16.90
N ALA A 90 -13.25 20.53 16.00
CA ALA A 90 -12.53 19.82 14.94
C ALA A 90 -11.40 18.96 15.50
N ILE A 91 -10.59 19.55 16.39
CA ILE A 91 -9.45 18.82 16.94
C ILE A 91 -9.91 17.68 17.84
N SER A 92 -11.05 17.84 18.51
CA SER A 92 -11.56 16.77 19.35
C SER A 92 -12.14 15.64 18.52
N SER A 93 -12.89 15.98 17.46
CA SER A 93 -13.41 14.94 16.57
C SER A 93 -12.28 14.24 15.84
N ALA A 94 -11.24 14.97 15.47
CA ALA A 94 -10.07 14.34 14.84
C ALA A 94 -9.37 13.41 15.80
N GLY A 95 -9.29 13.79 17.08
CA GLY A 95 -8.60 12.95 18.05
C GLY A 95 -9.31 11.63 18.28
N VAL A 96 -10.65 11.64 18.26
CA VAL A 96 -11.40 10.41 18.45
C VAL A 96 -11.14 9.45 17.29
N MET A 97 -11.14 9.98 16.07
CA MET A 97 -10.85 9.14 14.90
C MET A 97 -9.43 8.57 14.97
N TYR A 98 -8.46 9.40 15.39
CA TYR A 98 -7.09 8.93 15.47
C TYR A 98 -6.92 7.85 16.53
N ILE A 99 -7.55 8.04 17.69
CA ILE A 99 -7.32 7.11 18.81
C ILE A 99 -8.02 5.78 18.54
N ILE A 100 -9.19 5.80 17.89
CA ILE A 100 -9.91 4.56 17.62
C ILE A 100 -9.20 3.76 16.54
N THR A 101 -8.65 4.44 15.54
CA THR A 101 -7.93 3.75 14.47
C THR A 101 -6.73 3.00 15.03
N LYS A 102 -5.99 3.61 15.96
CA LYS A 102 -4.88 2.92 16.60
C LYS A 102 -5.37 1.74 17.41
N ASN A 103 -6.51 1.88 18.09
CA ASN A 103 -7.08 0.78 18.86
C ASN A 103 -7.39 -0.41 17.96
N CYS A 104 -8.01 -0.16 16.81
CA CYS A 104 -8.32 -1.23 15.88
C CYS A 104 -7.07 -1.83 15.27
N SER A 105 -6.06 -1.00 14.98
CA SER A 105 -4.82 -1.51 14.42
C SER A 105 -4.03 -2.31 15.45
N MET A 106 -4.15 -1.96 16.73
CA MET A 106 -3.48 -2.68 17.80
C MET A 106 -4.23 -3.89 18.27
N GLY A 107 -5.41 -4.17 17.71
CA GLY A 107 -6.20 -5.30 18.13
C GLY A 107 -6.98 -5.11 19.41
N ASP A 108 -7.14 -3.87 19.86
CA ASP A 108 -7.86 -3.60 21.09
C ASP A 108 -9.36 -3.78 20.95
N PHE A 109 -9.88 -3.85 19.73
CA PHE A 109 -11.30 -4.09 19.49
C PHE A 109 -11.45 -5.29 18.56
N GLU A 110 -12.47 -6.10 18.81
CA GLU A 110 -12.62 -7.40 18.16
C GLU A 110 -12.74 -7.30 16.66
N ASN A 111 -13.83 -6.72 16.16
CA ASN A 111 -14.10 -6.64 14.72
C ASN A 111 -14.17 -5.17 14.33
N CYS A 112 -13.16 -4.71 13.60
CA CYS A 112 -13.07 -3.32 13.14
C CYS A 112 -13.13 -3.34 11.62
N GLY A 113 -14.33 -3.20 11.06
CA GLY A 113 -14.56 -3.14 9.63
C GLY A 113 -15.44 -4.25 9.10
N CYS A 114 -15.36 -5.44 9.72
CA CYS A 114 -16.15 -6.57 9.28
C CYS A 114 -16.77 -7.31 10.47
N GLY A 126 -17.07 -8.71 2.93
CA GLY A 126 -16.67 -9.81 3.79
C GLY A 126 -15.15 -9.95 3.89
N TRP A 127 -14.69 -10.52 5.00
CA TRP A 127 -13.26 -10.72 5.19
C TRP A 127 -12.71 -11.72 4.17
N ILE A 128 -13.43 -12.83 3.96
CA ILE A 128 -13.00 -13.81 2.97
C ILE A 128 -13.12 -13.27 1.56
N TRP A 129 -14.15 -12.48 1.29
CA TRP A 129 -14.45 -11.96 -0.04
C TRP A 129 -14.34 -10.44 -0.01
N GLY A 130 -13.17 -9.92 -0.32
CA GLY A 130 -12.98 -8.50 -0.50
C GLY A 130 -12.29 -7.78 0.65
N GLY A 131 -12.17 -8.40 1.81
CA GLY A 131 -11.51 -7.74 2.91
C GLY A 131 -12.42 -6.76 3.64
N CYS A 132 -11.78 -5.80 4.31
CA CYS A 132 -12.50 -4.84 5.14
C CYS A 132 -12.16 -3.41 4.74
N SER A 133 -12.58 -2.44 5.56
CA SER A 133 -12.49 -1.02 5.22
C SER A 133 -11.23 -0.35 5.77
N ASP A 134 -10.15 -1.11 5.94
CA ASP A 134 -8.84 -0.55 6.30
C ASP A 134 -8.89 0.21 7.62
N ASN A 135 -9.77 -0.22 8.53
CA ASN A 135 -9.90 0.20 9.93
C ASN A 135 -9.76 1.70 10.13
N VAL A 136 -10.09 2.49 9.11
CA VAL A 136 -10.16 3.93 9.23
C VAL A 136 -11.56 4.47 9.01
N GLU A 137 -12.38 3.79 8.20
CA GLU A 137 -13.80 4.11 8.13
C GLU A 137 -14.48 3.78 9.45
N PHE A 138 -14.06 2.71 10.10
CA PHE A 138 -14.59 2.38 11.42
C PHE A 138 -14.25 3.46 12.43
N GLY A 139 -13.00 3.92 12.42
CA GLY A 139 -12.62 5.01 13.30
C GLY A 139 -13.37 6.30 12.99
N GLU A 140 -13.56 6.58 11.69
CA GLU A 140 -14.35 7.74 11.31
C GLU A 140 -15.80 7.60 11.77
N ARG A 141 -16.39 6.42 11.58
CA ARG A 141 -17.79 6.25 11.93
C ARG A 141 -17.98 6.24 13.44
N ILE A 142 -17.08 5.60 14.18
CA ILE A 142 -17.16 5.63 15.65
C ILE A 142 -17.02 7.06 16.15
N SER A 143 -16.09 7.82 15.57
CA SER A 143 -15.97 9.23 15.90
C SER A 143 -17.24 9.99 15.51
N LYS A 144 -17.80 9.67 14.34
CA LYS A 144 -18.98 10.39 13.86
C LYS A 144 -20.16 10.24 14.81
N LEU A 145 -20.51 9.00 15.14
CA LEU A 145 -21.71 8.78 15.96
C LEU A 145 -21.54 9.30 17.38
N PHE A 146 -20.34 9.20 17.95
CA PHE A 146 -20.15 9.60 19.34
C PHE A 146 -20.15 11.11 19.53
N VAL A 147 -19.57 11.87 18.61
CA VAL A 147 -19.47 13.32 18.79
C VAL A 147 -20.65 14.07 18.16
N ASP A 148 -21.31 13.49 17.16
CA ASP A 148 -22.49 14.13 16.59
C ASP A 148 -23.70 14.00 17.50
N SER A 149 -23.75 12.93 18.30
CA SER A 149 -24.84 12.76 19.25
C SER A 149 -24.81 13.80 20.36
N LEU A 150 -23.64 14.39 20.62
CA LEU A 150 -23.52 15.35 21.71
C LEU A 150 -24.42 16.56 21.50
N GLU A 151 -24.48 17.07 20.27
CA GLU A 151 -25.28 18.25 19.96
C GLU A 151 -26.75 17.83 19.90
N LYS A 152 -27.46 18.02 21.02
CA LYS A 152 -28.85 17.60 21.08
C LYS A 152 -29.73 18.39 20.12
N GLY A 153 -29.53 19.70 20.05
CA GLY A 153 -30.38 20.56 19.24
C GLY A 153 -30.02 20.53 17.77
N LYS A 154 -30.80 21.28 16.99
CA LYS A 154 -30.57 21.44 15.56
C LYS A 154 -30.65 22.91 15.16
N ASP A 155 -30.29 23.80 16.08
CA ASP A 155 -30.37 25.24 15.84
C ASP A 155 -29.16 25.69 15.03
N ALA A 156 -28.96 27.01 14.95
CA ALA A 156 -27.85 27.56 14.18
C ALA A 156 -26.50 27.10 14.73
N ARG A 157 -26.35 27.11 16.06
CA ARG A 157 -25.11 26.65 16.66
C ARG A 157 -24.88 25.17 16.40
N ALA A 158 -25.93 24.36 16.48
CA ALA A 158 -25.78 22.93 16.29
C ALA A 158 -25.29 22.59 14.89
N LEU A 159 -25.78 23.33 13.88
CA LEU A 159 -25.31 23.09 12.52
C LEU A 159 -23.83 23.40 12.40
N MET A 160 -23.34 24.41 13.13
CA MET A 160 -21.93 24.75 13.10
C MET A 160 -21.08 23.61 13.64
N ASN A 161 -21.47 23.06 14.79
CA ASN A 161 -20.67 22.01 15.41
C ASN A 161 -20.62 20.77 14.54
N LEU A 162 -21.75 20.42 13.91
CA LEU A 162 -21.76 19.30 12.98
C LEU A 162 -20.85 19.56 11.80
N HIS A 163 -20.82 20.80 11.32
CA HIS A 163 -19.89 21.16 10.24
C HIS A 163 -18.45 21.08 10.69
N ASN A 164 -18.14 21.66 11.85
CA ASN A 164 -16.76 21.67 12.33
C ASN A 164 -16.27 20.28 12.66
N ASN A 165 -17.13 19.43 13.25
CA ASN A 165 -16.73 18.06 13.53
C ASN A 165 -16.42 17.31 12.24
N ARG A 166 -17.23 17.51 11.19
CA ARG A 166 -16.95 16.88 9.91
C ARG A 166 -15.65 17.37 9.31
N ALA A 167 -15.36 18.66 9.45
CA ALA A 167 -14.11 19.22 8.92
C ALA A 167 -12.90 18.59 9.59
N GLY A 168 -12.98 18.37 10.91
CA GLY A 168 -11.89 17.70 11.59
C GLY A 168 -11.66 16.29 11.10
N ARG A 169 -12.75 15.55 10.85
CA ARG A 169 -12.63 14.20 10.34
C ARG A 169 -12.02 14.19 8.94
N LEU A 170 -12.44 15.14 8.10
CA LEU A 170 -11.86 15.24 6.76
C LEU A 170 -10.38 15.60 6.81
N ALA A 171 -9.98 16.44 7.77
CA ALA A 171 -8.58 16.79 7.91
C ALA A 171 -7.73 15.56 8.20
N VAL A 172 -8.30 14.59 8.93
CA VAL A 172 -7.60 13.34 9.17
C VAL A 172 -7.41 12.57 7.87
N ARG A 173 -8.45 12.50 7.06
CA ARG A 173 -8.37 11.76 5.80
C ARG A 173 -7.45 12.47 4.81
N ALA A 174 -7.50 13.80 4.78
CA ALA A 174 -6.65 14.55 3.86
C ALA A 174 -5.18 14.43 4.21
N THR A 175 -4.85 14.42 5.51
CA THR A 175 -3.47 14.35 5.94
C THR A 175 -2.85 12.97 5.77
N MET A 176 -3.66 11.96 5.47
CA MET A 176 -3.15 10.60 5.31
C MET A 176 -2.11 10.53 4.20
N LYS A 177 -1.09 9.72 4.42
CA LYS A 177 -0.03 9.51 3.44
C LYS A 177 -0.27 8.21 2.69
N ARG A 178 -0.01 8.23 1.39
CA ARG A 178 -0.23 7.08 0.53
C ARG A 178 1.11 6.43 0.20
N THR A 179 1.24 5.14 0.51
CA THR A 179 2.42 4.37 0.20
C THR A 179 2.01 3.12 -0.56
N CYS A 180 2.90 2.64 -1.43
CA CYS A 180 2.57 1.56 -2.35
C CYS A 180 3.73 0.58 -2.42
N LYS A 181 3.42 -0.67 -2.77
CA LYS A 181 4.39 -1.75 -2.84
C LYS A 181 4.22 -2.50 -4.15
N CYS A 182 5.33 -2.79 -4.81
CA CYS A 182 5.33 -3.50 -6.09
C CYS A 182 5.67 -4.97 -5.83
N HIS A 183 4.73 -5.85 -6.14
CA HIS A 183 4.89 -7.29 -5.93
C HIS A 183 4.40 -8.07 -7.14
N GLY A 184 4.85 -7.68 -8.33
CA GLY A 184 4.30 -8.21 -9.55
C GLY A 184 4.90 -9.53 -9.98
N ILE A 185 5.44 -9.58 -11.19
CA ILE A 185 5.99 -10.81 -11.75
C ILE A 185 7.11 -11.34 -10.87
N SER A 186 8.33 -10.82 -11.07
CA SER A 186 9.45 -11.19 -10.23
C SER A 186 9.70 -10.05 -9.25
N GLY A 187 8.64 -9.61 -8.58
CA GLY A 187 8.72 -8.45 -7.70
C GLY A 187 8.63 -7.16 -8.48
N SER A 188 8.04 -7.23 -9.67
CA SER A 188 7.93 -6.10 -10.57
C SER A 188 6.70 -5.27 -10.18
N CYS A 189 6.32 -4.31 -11.02
CA CYS A 189 5.17 -3.47 -10.74
C CYS A 189 3.99 -3.79 -11.64
N SER A 190 3.88 -5.05 -12.07
CA SER A 190 2.70 -5.46 -12.82
C SER A 190 1.46 -5.36 -11.96
N ILE A 191 1.56 -5.76 -10.70
CA ILE A 191 0.52 -5.54 -9.70
C ILE A 191 1.12 -4.70 -8.57
N GLN A 192 0.38 -3.70 -8.12
CA GLN A 192 0.83 -2.80 -7.08
C GLN A 192 -0.29 -2.65 -6.05
N THR A 193 0.07 -2.77 -4.78
CA THR A 193 -0.88 -2.63 -3.68
C THR A 193 -0.63 -1.31 -2.98
N CYS A 194 -1.66 -0.48 -2.87
CA CYS A 194 -1.56 0.86 -2.31
C CYS A 194 -2.48 0.97 -1.12
N TRP A 195 -1.98 1.54 -0.03
CA TRP A 195 -2.76 1.66 1.20
C TRP A 195 -2.51 3.03 1.83
N LEU A 196 -3.50 3.48 2.60
CA LEU A 196 -3.44 4.77 3.27
C LEU A 196 -2.97 4.59 4.71
N GLN A 197 -2.04 5.43 5.13
CA GLN A 197 -1.47 5.37 6.47
C GLN A 197 -1.66 6.71 7.17
N LEU A 198 -2.06 6.65 8.44
CA LEU A 198 -2.30 7.86 9.20
C LEU A 198 -1.00 8.58 9.49
N ALA A 199 -1.00 9.91 9.33
CA ALA A 199 0.12 10.72 9.75
C ALA A 199 0.06 10.94 11.25
N GLU A 200 1.19 11.38 11.82
CA GLU A 200 1.24 11.65 13.25
C GLU A 200 0.32 12.81 13.59
N PHE A 201 -0.17 12.80 14.83
CA PHE A 201 -1.20 13.76 15.23
C PHE A 201 -0.72 15.20 15.15
N ARG A 202 0.59 15.41 15.26
CA ARG A 202 1.14 16.76 15.14
C ARG A 202 0.88 17.35 13.76
N GLU A 203 0.97 16.50 12.72
CA GLU A 203 0.72 16.98 11.36
C GLU A 203 -0.71 17.51 11.22
N MET A 204 -1.67 16.78 11.77
CA MET A 204 -3.07 17.19 11.66
C MET A 204 -3.37 18.42 12.51
N GLY A 205 -2.70 18.55 13.66
CA GLY A 205 -2.85 19.77 14.44
C GLY A 205 -2.36 20.99 13.69
N ASP A 206 -1.23 20.86 12.99
CA ASP A 206 -0.76 21.94 12.13
C ASP A 206 -1.74 22.18 10.98
N TYR A 207 -2.29 21.09 10.42
CA TYR A 207 -3.26 21.23 9.34
C TYR A 207 -4.52 21.96 9.81
N LEU A 208 -5.01 21.60 11.00
CA LEU A 208 -6.22 22.24 11.50
C LEU A 208 -5.96 23.65 12.01
N LYS A 209 -4.75 23.92 12.51
CA LYS A 209 -4.38 25.28 12.86
C LYS A 209 -4.36 26.17 11.63
N ALA A 210 -3.88 25.64 10.51
CA ALA A 210 -3.93 26.39 9.25
C ALA A 210 -5.37 26.67 8.84
N LYS A 211 -6.25 25.66 9.00
CA LYS A 211 -7.67 25.88 8.71
C LYS A 211 -8.31 26.86 9.70
N TYR A 212 -7.74 26.96 10.91
CA TYR A 212 -8.25 27.93 11.87
C TYR A 212 -7.84 29.35 11.51
N ASP A 213 -6.66 29.52 10.91
CA ASP A 213 -6.23 30.85 10.49
C ASP A 213 -7.10 31.39 9.37
N GLN A 214 -7.67 30.51 8.55
CA GLN A 214 -8.60 30.87 7.49
C GLN A 214 -9.97 30.28 7.83
N ALA A 215 -10.74 31.02 8.62
CA ALA A 215 -12.05 30.58 9.07
C ALA A 215 -13.12 31.53 8.54
N LEU A 216 -14.30 30.98 8.26
CA LEU A 216 -15.38 31.71 7.63
C LEU A 216 -16.46 32.04 8.66
N LYS A 217 -16.80 33.33 8.74
CA LYS A 217 -17.89 33.78 9.60
C LYS A 217 -19.19 33.70 8.81
N ILE A 218 -20.15 32.96 9.34
CA ILE A 218 -21.41 32.73 8.65
C ILE A 218 -22.43 33.77 9.11
N GLU A 219 -23.46 33.97 8.29
CA GLU A 219 -24.50 34.98 8.55
C GLU A 219 -25.80 34.27 8.93
N MET A 220 -26.06 34.24 10.24
CA MET A 220 -27.31 33.89 10.92
C MET A 220 -27.72 32.42 10.76
N ASP A 221 -27.01 31.66 9.93
CA ASP A 221 -27.26 30.21 9.83
C ASP A 221 -26.18 29.53 9.01
N LYS A 222 -25.69 28.39 9.49
CA LYS A 222 -24.62 27.66 8.81
C LYS A 222 -25.09 27.13 7.46
N PHE A 241 -26.78 32.18 4.64
CA PHE A 241 -27.67 31.57 3.66
C PHE A 241 -26.95 30.53 2.83
N LEU A 242 -25.88 30.95 2.16
CA LEU A 242 -25.14 30.07 1.27
C LEU A 242 -24.41 29.00 2.08
N PRO A 243 -24.16 27.82 1.47
CA PRO A 243 -23.41 26.77 2.18
C PRO A 243 -21.94 27.10 2.33
N SER A 244 -21.18 26.17 2.91
CA SER A 244 -19.76 26.37 3.15
C SER A 244 -19.02 25.10 2.77
N ALA A 245 -17.73 25.26 2.48
CA ALA A 245 -16.91 24.13 2.07
C ALA A 245 -16.81 23.10 3.20
N GLU A 246 -16.82 21.82 2.83
CA GLU A 246 -16.84 20.75 3.82
C GLU A 246 -15.56 20.68 4.63
N ALA A 247 -14.44 21.17 4.10
CA ALA A 247 -13.14 21.06 4.76
C ALA A 247 -12.72 22.34 5.46
N GLU A 248 -13.61 23.32 5.60
CA GLU A 248 -13.30 24.60 6.19
C GLU A 248 -14.04 24.79 7.50
N LEU A 249 -13.32 25.26 8.53
CA LEU A 249 -13.95 25.61 9.79
C LEU A 249 -14.82 26.85 9.62
N ILE A 250 -15.92 26.90 10.36
CA ILE A 250 -16.84 28.02 10.33
C ILE A 250 -17.17 28.43 11.75
N PHE A 251 -17.15 29.73 12.02
CA PHE A 251 -17.62 30.28 13.27
C PHE A 251 -18.78 31.24 13.00
N LEU A 252 -19.38 31.74 14.07
CA LEU A 252 -20.61 32.51 13.93
C LEU A 252 -20.49 33.89 14.56
N GLU A 253 -19.73 33.99 15.65
CA GLU A 253 -19.55 35.24 16.37
C GLU A 253 -18.07 35.50 16.56
N GLU A 254 -17.67 36.76 16.40
CA GLU A 254 -16.27 37.12 16.52
C GLU A 254 -15.77 36.94 17.94
N SER A 255 -14.47 36.68 18.07
CA SER A 255 -13.86 36.48 19.37
C SER A 255 -13.84 37.79 20.16
N PRO A 256 -13.81 37.71 21.49
CA PRO A 256 -13.69 38.93 22.30
C PRO A 256 -12.24 39.33 22.55
N ASP A 257 -12.03 40.44 23.25
CA ASP A 257 -10.69 40.91 23.54
C ASP A 257 -10.06 40.01 24.60
N TYR A 258 -9.35 38.97 24.16
CA TYR A 258 -8.93 37.91 25.08
C TYR A 258 -7.89 38.38 26.08
N CYS A 259 -7.08 39.38 25.72
CA CYS A 259 -6.03 39.82 26.64
C CYS A 259 -6.62 40.42 27.91
N THR A 260 -7.68 41.20 27.78
CA THR A 260 -8.37 41.74 28.95
C THR A 260 -9.04 40.60 29.72
N CYS A 261 -8.90 40.64 31.05
CA CYS A 261 -9.42 39.58 31.89
C CYS A 261 -10.91 39.78 32.14
N ASN A 262 -11.68 38.70 31.99
CA ASN A 262 -13.11 38.71 32.25
C ASN A 262 -13.48 37.36 32.88
N SER A 263 -13.71 37.37 34.20
CA SER A 263 -14.00 36.13 34.91
C SER A 263 -15.30 35.50 34.42
N SER A 264 -16.32 36.33 34.17
CA SER A 264 -17.62 35.80 33.76
C SER A 264 -17.52 35.08 32.41
N LEU A 265 -16.79 35.65 31.46
CA LEU A 265 -16.65 35.08 30.12
C LEU A 265 -15.59 33.99 30.05
N GLY A 266 -15.15 33.47 31.19
CA GLY A 266 -14.16 32.40 31.20
C GLY A 266 -12.85 32.76 30.57
N ILE A 267 -12.40 34.00 30.77
CA ILE A 267 -11.14 34.49 30.20
C ILE A 267 -10.18 34.75 31.36
N TYR A 268 -9.00 34.13 31.30
CA TYR A 268 -8.01 34.27 32.35
C TYR A 268 -6.99 35.37 32.08
N GLY A 269 -7.03 36.00 30.91
CA GLY A 269 -6.16 37.12 30.62
C GLY A 269 -4.75 36.70 30.26
N THR A 270 -4.02 37.66 29.68
CA THR A 270 -2.63 37.45 29.29
C THR A 270 -1.71 38.02 30.38
N GLU A 271 -1.76 37.37 31.54
CA GLU A 271 -0.96 37.80 32.69
C GLU A 271 -0.24 36.59 33.28
N GLY A 272 1.04 36.77 33.59
CA GLY A 272 1.84 35.72 34.20
C GLY A 272 2.01 34.50 33.32
N ARG A 273 2.34 34.72 32.04
CA ARG A 273 2.44 33.65 31.07
C ARG A 273 3.81 33.66 30.40
N GLU A 274 4.37 32.48 30.20
CA GLU A 274 5.63 32.36 29.50
C GLU A 274 5.45 32.62 28.00
N CYS A 275 6.54 33.00 27.34
CA CYS A 275 6.54 33.15 25.89
C CYS A 275 7.99 33.15 25.41
N LEU A 276 8.19 33.53 24.14
CA LEU A 276 9.50 33.54 23.51
C LEU A 276 9.72 34.87 22.82
N GLN A 277 10.89 35.48 23.05
CA GLN A 277 11.27 36.73 22.41
C GLN A 277 12.30 36.58 21.31
N ASN A 278 13.09 35.51 21.32
CA ASN A 278 14.18 35.32 20.36
C ASN A 278 15.15 36.49 20.38
N ARG A 288 8.85 34.37 19.11
CA ARG A 288 8.76 35.71 18.55
C ARG A 288 7.33 36.23 18.64
N SER A 289 6.38 35.30 18.81
CA SER A 289 4.97 35.65 18.75
C SER A 289 4.58 36.65 19.83
N CYS A 290 5.15 36.52 21.03
CA CYS A 290 4.75 37.41 22.12
C CYS A 290 5.46 38.75 21.96
N GLY A 291 5.44 39.56 23.02
CA GLY A 291 5.92 40.92 22.91
C GLY A 291 4.83 41.77 22.28
N ARG A 292 4.53 41.52 21.01
CA ARG A 292 3.34 42.12 20.41
C ARG A 292 2.08 41.62 21.11
N LEU A 293 2.11 40.43 21.69
CA LEU A 293 1.02 39.92 22.50
C LEU A 293 1.22 40.20 23.99
N CYS A 294 2.28 40.90 24.36
CA CYS A 294 2.53 41.29 25.75
C CYS A 294 2.67 42.80 25.92
N THR A 295 3.40 43.48 25.04
CA THR A 295 3.57 44.92 25.18
C THR A 295 2.28 45.67 24.82
N GLU A 296 1.55 45.16 23.82
CA GLU A 296 0.30 45.81 23.43
C GLU A 296 -0.72 45.77 24.55
N CYS A 297 -0.82 44.64 25.25
CA CYS A 297 -1.78 44.45 26.34
C CYS A 297 -1.00 43.90 27.53
N GLY A 298 -0.73 44.75 28.52
CA GLY A 298 0.05 44.36 29.67
C GLY A 298 1.33 45.17 29.81
N LEU A 299 1.43 45.96 30.86
CA LEU A 299 2.57 46.86 31.05
C LEU A 299 3.64 46.21 31.93
N GLN A 300 4.12 45.05 31.48
CA GLN A 300 5.18 44.34 32.20
C GLN A 300 5.73 43.24 31.31
N VAL A 301 7.05 43.03 31.40
CA VAL A 301 7.72 41.93 30.74
C VAL A 301 8.47 41.05 31.75
N GLU A 302 9.26 41.66 32.63
CA GLU A 302 9.77 41.04 33.84
C GLU A 302 10.53 39.74 33.52
N GLU A 303 11.70 39.94 32.90
CA GLU A 303 12.60 38.83 32.56
C GLU A 303 13.20 38.25 33.83
N ARG A 304 12.78 37.04 34.21
CA ARG A 304 13.20 36.47 35.48
C ARG A 304 14.65 36.01 35.44
N LYS A 305 15.05 35.30 34.37
CA LYS A 305 16.37 34.70 34.24
C LYS A 305 16.63 33.74 35.41
N THR A 306 15.82 32.68 35.45
CA THR A 306 15.89 31.68 36.50
C THR A 306 16.46 30.38 35.95
N GLU A 307 17.34 29.74 36.73
CA GLU A 307 18.02 28.53 36.30
C GLU A 307 17.03 27.37 36.14
N VAL A 308 17.29 26.52 35.15
CA VAL A 308 16.46 25.37 34.85
C VAL A 308 17.37 24.15 34.67
N ILE A 309 16.99 23.03 35.27
CA ILE A 309 17.73 21.78 35.21
C ILE A 309 17.04 20.85 34.23
N SER A 310 17.82 20.22 33.34
CA SER A 310 17.28 19.31 32.33
C SER A 310 18.28 18.19 32.09
N SER A 311 17.90 17.26 31.22
CA SER A 311 18.78 16.16 30.86
C SER A 311 19.99 16.67 30.08
N CYS A 312 21.11 15.96 30.21
CA CYS A 312 22.38 16.49 29.74
C CYS A 312 23.43 15.39 29.66
N ASN A 313 24.08 15.24 28.49
CA ASN A 313 25.18 14.30 28.28
C ASN A 313 24.74 12.87 28.58
N CYS A 314 23.81 12.39 27.76
CA CYS A 314 23.21 11.07 27.93
C CYS A 314 23.72 10.10 26.87
N LYS A 315 23.79 8.82 27.25
CA LYS A 315 24.07 7.73 26.32
C LYS A 315 22.74 7.10 25.90
N PHE A 316 22.58 6.86 24.61
CA PHE A 316 21.27 6.58 24.04
C PHE A 316 21.24 5.23 23.36
N GLN A 317 20.04 4.64 23.33
CA GLN A 317 19.70 3.48 22.53
C GLN A 317 18.42 3.81 21.76
N TRP A 318 17.88 2.82 21.03
CA TRP A 318 16.68 3.10 20.23
C TRP A 318 15.50 3.47 21.13
N CYS A 319 15.35 2.80 22.25
CA CYS A 319 14.71 3.39 23.42
C CYS A 319 15.63 3.12 24.59
N CYS A 320 15.36 3.76 25.72
CA CYS A 320 14.96 3.04 26.92
C CYS A 320 15.30 3.90 28.12
N THR A 321 15.04 3.41 29.35
CA THR A 321 15.71 4.00 30.50
C THR A 321 17.21 3.93 30.30
N VAL A 322 17.88 5.07 30.48
CA VAL A 322 19.29 5.21 30.14
C VAL A 322 20.05 5.86 31.28
N LYS A 323 21.38 5.84 31.17
CA LYS A 323 22.26 6.44 32.16
C LYS A 323 22.50 7.89 31.80
N CYS A 324 22.21 8.79 32.75
CA CYS A 324 22.34 10.23 32.54
C CYS A 324 22.89 10.84 33.82
N ASP A 325 22.83 12.17 33.90
CA ASP A 325 23.32 12.90 35.05
C ASP A 325 22.48 14.16 35.23
N GLN A 326 22.96 15.07 36.08
CA GLN A 326 22.31 16.34 36.33
C GLN A 326 23.17 17.46 35.74
N CYS A 327 22.51 18.46 35.17
CA CYS A 327 23.20 19.48 34.39
C CYS A 327 22.60 20.84 34.75
N ARG A 328 23.45 21.77 35.14
CA ARG A 328 23.03 23.06 35.68
C ARG A 328 23.36 24.16 34.68
N HIS A 329 22.35 24.95 34.30
CA HIS A 329 22.55 26.07 33.41
C HIS A 329 21.36 27.01 33.54
N VAL A 330 21.63 28.32 33.60
CA VAL A 330 20.58 29.31 33.70
C VAL A 330 19.96 29.56 32.33
N VAL A 331 18.67 29.91 32.32
CA VAL A 331 17.93 30.17 31.10
C VAL A 331 17.29 31.54 31.19
N SER A 332 16.76 32.00 30.06
CA SER A 332 16.18 33.33 29.93
C SER A 332 14.65 33.28 29.90
N LYS A 333 14.05 32.45 30.74
CA LYS A 333 12.60 32.30 30.75
C LYS A 333 11.92 33.63 31.06
N TYR A 334 10.79 33.88 30.40
CA TYR A 334 10.02 35.09 30.56
C TYR A 334 8.67 34.78 31.19
N TYR A 335 8.16 35.72 31.99
CA TYR A 335 6.79 35.72 32.46
C TYR A 335 6.13 37.01 31.97
N CYS A 336 5.28 36.89 30.95
CA CYS A 336 4.63 38.06 30.39
C CYS A 336 3.69 38.70 31.41
N ALA A 337 3.65 40.03 31.41
CA ALA A 337 2.84 40.80 32.34
C ALA A 337 3.15 40.44 33.79
N ALA B 4 -4.26 -21.92 -45.47
CA ALA B 4 -4.75 -22.00 -44.10
C ALA B 4 -6.15 -21.41 -43.98
N ILE B 5 -6.70 -21.46 -42.76
CA ILE B 5 -8.07 -20.98 -42.54
C ILE B 5 -8.15 -19.48 -42.76
N ILE B 6 -7.12 -18.74 -42.33
CA ILE B 6 -7.11 -17.29 -42.48
C ILE B 6 -7.14 -16.89 -43.94
N GLU B 7 -6.53 -17.69 -44.82
CA GLU B 7 -6.52 -17.39 -46.25
C GLU B 7 -7.89 -17.57 -46.88
N ASN B 8 -8.55 -18.69 -46.59
CA ASN B 8 -9.75 -19.06 -47.33
C ASN B 8 -10.97 -18.25 -46.90
N MET B 9 -11.06 -17.90 -45.62
CA MET B 9 -12.28 -17.29 -45.11
C MET B 9 -12.54 -15.94 -45.77
N SER B 10 -13.81 -15.65 -46.00
CA SER B 10 -14.22 -14.38 -46.59
C SER B 10 -14.18 -13.29 -45.53
N THR B 11 -14.64 -12.09 -45.89
CA THR B 11 -14.65 -11.00 -44.93
C THR B 11 -15.76 -11.15 -43.90
N LYS B 12 -16.89 -11.74 -44.29
CA LYS B 12 -18.02 -11.89 -43.36
C LYS B 12 -17.68 -12.85 -42.24
N LYS B 13 -17.05 -13.98 -42.55
CA LYS B 13 -16.69 -14.94 -41.52
C LYS B 13 -15.61 -14.37 -40.59
N LEU B 14 -14.65 -13.64 -41.15
CA LEU B 14 -13.63 -13.00 -40.32
C LEU B 14 -14.26 -11.97 -39.39
N CYS B 15 -15.20 -11.18 -39.91
CA CYS B 15 -15.89 -10.21 -39.06
C CYS B 15 -16.69 -10.91 -37.97
N ILE B 16 -17.33 -12.04 -38.31
CA ILE B 16 -18.13 -12.76 -37.32
C ILE B 16 -17.25 -13.32 -36.20
N VAL B 17 -16.13 -13.93 -36.56
CA VAL B 17 -15.25 -14.48 -35.52
C VAL B 17 -14.64 -13.36 -34.70
N GLY B 18 -14.32 -12.23 -35.33
CA GLY B 18 -13.84 -11.09 -34.58
C GLY B 18 -14.88 -10.55 -33.61
N GLY B 19 -16.15 -10.53 -34.03
CA GLY B 19 -17.21 -10.09 -33.13
C GLY B 19 -17.42 -11.03 -31.97
N ILE B 20 -17.33 -12.34 -32.22
CA ILE B 20 -17.44 -13.31 -31.13
C ILE B 20 -16.30 -13.12 -30.13
N LEU B 21 -15.08 -12.94 -30.64
CA LEU B 21 -13.95 -12.68 -29.75
C LEU B 21 -14.14 -11.37 -29.00
N LEU B 22 -14.72 -10.36 -29.65
CA LEU B 22 -14.99 -9.09 -28.98
C LEU B 22 -15.99 -9.28 -27.84
N VAL B 23 -17.04 -10.07 -28.07
CA VAL B 23 -18.01 -10.33 -27.02
C VAL B 23 -17.34 -11.05 -25.85
N PHE B 24 -16.48 -12.03 -26.16
CA PHE B 24 -15.77 -12.73 -25.10
C PHE B 24 -14.86 -11.78 -24.32
N GLN B 25 -14.22 -10.83 -25.00
CA GLN B 25 -13.35 -9.90 -24.31
C GLN B 25 -14.13 -8.91 -23.45
N ILE B 26 -15.32 -8.50 -23.92
CA ILE B 26 -16.18 -7.67 -23.08
C ILE B 26 -16.59 -8.44 -21.84
N ILE B 27 -16.89 -9.73 -21.98
CA ILE B 27 -17.19 -10.55 -20.81
C ILE B 27 -15.99 -10.63 -19.88
N ALA B 28 -14.79 -10.73 -20.44
CA ALA B 28 -13.58 -10.79 -19.62
C ALA B 28 -13.38 -9.51 -18.82
N PHE B 29 -13.60 -8.36 -19.46
CA PHE B 29 -13.62 -7.10 -18.71
C PHE B 29 -14.67 -7.12 -17.60
N LEU B 30 -15.90 -7.52 -17.94
CA LEU B 30 -17.01 -7.36 -17.01
C LEU B 30 -16.88 -8.28 -15.80
N VAL B 31 -16.33 -9.49 -15.97
CA VAL B 31 -16.17 -10.40 -14.85
C VAL B 31 -15.28 -9.78 -13.78
N GLY B 32 -14.16 -9.21 -14.20
CA GLY B 32 -13.29 -8.52 -13.25
C GLY B 32 -13.91 -7.25 -12.70
N GLY B 33 -14.59 -6.49 -13.56
CA GLY B 33 -15.11 -5.20 -13.15
C GLY B 33 -16.24 -5.28 -12.15
N LEU B 34 -17.16 -6.22 -12.34
CA LEU B 34 -18.41 -6.22 -11.60
C LEU B 34 -18.62 -7.44 -10.72
N ILE B 35 -17.66 -8.36 -10.64
CA ILE B 35 -17.81 -9.54 -9.80
C ILE B 35 -16.67 -9.63 -8.79
N ALA B 36 -15.45 -9.73 -9.29
CA ALA B 36 -14.31 -9.92 -8.42
C ALA B 36 -14.02 -8.64 -7.63
N PRO B 37 -13.67 -8.75 -6.35
CA PRO B 37 -13.24 -7.56 -5.60
C PRO B 37 -11.82 -7.17 -5.95
N GLY B 38 -11.26 -6.21 -5.22
CA GLY B 38 -9.92 -5.74 -5.48
C GLY B 38 -8.89 -6.85 -5.45
N PRO B 39 -7.87 -6.74 -6.29
CA PRO B 39 -6.87 -7.82 -6.38
C PRO B 39 -6.17 -8.12 -5.07
N THR B 40 -5.89 -7.10 -4.25
CA THR B 40 -5.11 -7.29 -3.04
C THR B 40 -5.73 -6.51 -1.91
N THR B 41 -5.41 -6.93 -0.68
CA THR B 41 -5.86 -6.28 0.54
C THR B 41 -4.66 -5.98 1.41
N ALA B 42 -4.38 -4.70 1.62
CA ALA B 42 -3.29 -4.26 2.49
C ALA B 42 -3.90 -3.80 3.82
N VAL B 43 -3.58 -4.51 4.89
CA VAL B 43 -4.10 -4.22 6.22
C VAL B 43 -2.92 -3.86 7.12
N SER B 44 -3.03 -2.71 7.79
CA SER B 44 -1.93 -2.19 8.60
C SER B 44 -2.06 -2.67 10.03
N TYR B 45 -0.92 -3.06 10.61
CA TYR B 45 -0.84 -3.53 11.98
C TYR B 45 0.03 -2.60 12.80
N MET B 46 -0.31 -2.46 14.07
CA MET B 46 0.52 -1.77 15.05
C MET B 46 1.09 -2.82 15.99
N SER B 47 2.42 -2.85 16.11
CA SER B 47 3.05 -3.80 17.00
C SER B 47 2.77 -3.45 18.45
N VAL B 48 2.50 -4.48 19.24
CA VAL B 48 2.30 -4.32 20.68
C VAL B 48 3.64 -4.56 21.37
N LYS B 49 4.12 -3.56 22.09
CA LYS B 49 5.44 -3.63 22.72
C LYS B 49 5.32 -4.40 24.02
N CYS B 50 5.48 -5.72 23.94
CA CYS B 50 5.45 -6.55 25.13
C CYS B 50 6.74 -6.40 25.91
N VAL B 51 6.72 -6.85 27.16
CA VAL B 51 7.87 -6.76 28.06
C VAL B 51 8.26 -8.17 28.47
N ASP B 52 9.52 -8.53 28.21
CA ASP B 52 10.06 -9.83 28.60
C ASP B 52 10.75 -9.67 29.95
N ALA B 53 9.98 -9.87 31.02
CA ALA B 53 10.50 -9.69 32.37
C ALA B 53 11.10 -10.99 32.92
N ARG B 54 11.99 -11.60 32.15
CA ARG B 54 12.65 -12.85 32.55
C ARG B 54 13.95 -12.96 31.78
N LYS B 55 14.62 -14.09 31.96
CA LYS B 55 15.83 -14.43 31.22
C LYS B 55 15.53 -15.63 30.32
N ASN B 56 15.96 -15.54 29.06
CA ASN B 56 15.65 -16.59 28.09
C ASN B 56 16.25 -17.93 28.51
N HIS B 57 15.38 -18.88 28.83
CA HIS B 57 15.77 -20.21 29.30
C HIS B 57 15.68 -21.26 28.19
N HIS B 58 15.99 -20.87 26.96
CA HIS B 58 15.94 -21.73 25.78
C HIS B 58 14.54 -22.25 25.47
N LYS B 59 13.51 -21.67 26.09
CA LYS B 59 12.12 -22.02 25.82
C LYS B 59 11.40 -20.79 25.33
N THR B 60 10.84 -20.86 24.12
CA THR B 60 10.15 -19.72 23.55
C THR B 60 8.88 -19.40 24.33
N LYS B 61 8.55 -18.12 24.40
CA LYS B 61 7.38 -17.67 25.14
C LYS B 61 6.21 -17.32 24.23
N TRP B 62 6.47 -16.84 23.02
CA TRP B 62 5.41 -16.48 22.07
C TRP B 62 4.49 -15.41 22.66
N PHE B 63 5.09 -14.24 22.88
CA PHE B 63 4.37 -13.11 23.46
C PHE B 63 3.17 -12.72 22.60
N VAL B 64 1.97 -12.90 23.14
CA VAL B 64 0.73 -12.66 22.40
C VAL B 64 0.24 -11.24 22.70
N PRO B 65 -0.03 -10.44 21.67
CA PRO B 65 -0.42 -9.03 21.90
C PRO B 65 -1.75 -8.86 22.62
N TRP B 66 -2.79 -9.54 22.14
CA TRP B 66 -4.13 -9.40 22.68
C TRP B 66 -4.75 -10.76 22.89
N GLY B 67 -5.69 -10.84 23.83
CA GLY B 67 -6.40 -12.07 24.10
C GLY B 67 -6.34 -12.47 25.56
N PRO B 68 -6.62 -13.74 25.83
CA PRO B 68 -6.57 -14.22 27.23
C PRO B 68 -5.17 -14.17 27.81
N ASN B 69 -4.20 -14.78 27.12
CA ASN B 69 -2.81 -14.77 27.58
C ASN B 69 -2.02 -13.64 26.95
N HIS B 70 -2.53 -12.41 27.05
CA HIS B 70 -1.88 -11.28 26.42
C HIS B 70 -0.63 -10.87 27.19
N CYS B 71 0.38 -10.43 26.45
CA CYS B 71 1.65 -10.05 27.04
C CYS B 71 1.50 -8.77 27.87
N ASP B 72 2.31 -8.68 28.92
CA ASP B 72 2.44 -7.43 29.67
C ASP B 72 3.04 -6.37 28.74
N LYS B 73 2.25 -5.38 28.38
CA LYS B 73 2.60 -4.45 27.31
C LYS B 73 2.67 -3.02 27.82
N ILE B 74 3.48 -2.22 27.12
CA ILE B 74 3.55 -0.78 27.34
C ILE B 74 2.90 -0.10 26.15
N ARG B 75 1.93 0.77 26.43
CA ARG B 75 1.16 1.39 25.36
C ARG B 75 2.00 2.32 24.51
N ASP B 76 3.04 2.92 25.09
CA ASP B 76 3.87 3.85 24.34
C ASP B 76 5.26 3.89 24.97
N ILE B 77 6.25 4.23 24.15
CA ILE B 77 7.61 4.40 24.66
C ILE B 77 7.61 5.57 25.65
N GLU B 78 8.68 5.62 26.47
CA GLU B 78 8.87 6.46 27.64
C GLU B 78 8.10 5.91 28.84
N GLU B 79 7.29 4.87 28.66
CA GLU B 79 6.77 4.12 29.79
C GLU B 79 7.76 3.08 30.29
N ALA B 80 8.81 2.80 29.53
CA ALA B 80 9.84 1.86 29.93
C ALA B 80 10.90 2.49 30.82
N ILE B 81 10.89 3.82 30.97
CA ILE B 81 11.81 4.50 31.86
C ILE B 81 11.35 4.37 33.31
N PRO B 82 10.08 4.67 33.64
CA PRO B 82 9.64 4.42 35.03
C PRO B 82 9.69 2.95 35.42
N ARG B 83 9.47 2.04 34.48
CA ARG B 83 9.42 0.61 34.77
C ARG B 83 10.78 -0.06 34.63
N GLU B 84 11.81 0.66 34.18
CA GLU B 84 13.17 0.14 34.06
C GLU B 84 13.22 -1.09 33.15
N ILE B 85 12.89 -0.86 31.88
CA ILE B 85 12.87 -1.92 30.88
C ILE B 85 14.02 -1.67 29.90
N GLU B 86 14.82 -2.70 29.67
CA GLU B 86 15.98 -2.59 28.80
C GLU B 86 15.57 -2.65 27.33
N ALA B 87 16.55 -2.57 26.44
CA ALA B 87 16.26 -2.55 25.01
C ALA B 87 15.90 -3.93 24.49
N ASN B 88 16.54 -4.97 25.01
CA ASN B 88 16.28 -6.33 24.56
C ASN B 88 15.10 -6.97 25.25
N ASP B 89 14.42 -6.24 26.15
CA ASP B 89 13.25 -6.75 26.85
C ASP B 89 11.94 -6.27 26.23
N ILE B 90 11.99 -5.61 25.08
CA ILE B 90 10.79 -5.17 24.38
C ILE B 90 10.63 -6.05 23.15
N VAL B 91 9.47 -6.73 23.06
CA VAL B 91 9.20 -7.68 22.00
C VAL B 91 7.98 -7.17 21.24
N PHE B 92 8.21 -6.64 20.03
CA PHE B 92 7.11 -6.18 19.19
C PHE B 92 6.36 -7.39 18.66
N SER B 93 5.10 -7.54 19.08
CA SER B 93 4.30 -8.71 18.75
C SER B 93 3.11 -8.29 17.90
N VAL B 94 2.88 -9.00 16.79
CA VAL B 94 1.77 -8.76 15.90
C VAL B 94 1.07 -10.08 15.63
N HIS B 95 -0.25 -10.11 15.83
CA HIS B 95 -1.07 -11.26 15.48
C HIS B 95 -1.68 -10.98 14.11
N ILE B 96 -1.24 -11.74 13.10
CA ILE B 96 -1.55 -11.39 11.72
C ILE B 96 -3.05 -11.39 11.43
N PRO B 97 -3.82 -12.40 11.84
CA PRO B 97 -5.27 -12.25 11.74
C PRO B 97 -5.77 -11.27 12.79
N LEU B 98 -6.24 -10.11 12.34
CA LEU B 98 -6.74 -9.09 13.24
C LEU B 98 -7.92 -9.67 14.02
N PRO B 99 -8.09 -9.31 15.31
CA PRO B 99 -8.92 -10.11 16.23
C PRO B 99 -10.16 -10.77 15.67
N HIS B 100 -10.29 -12.08 15.94
CA HIS B 100 -11.44 -12.90 15.61
C HIS B 100 -11.65 -13.04 14.10
N MET B 101 -10.62 -12.78 13.32
CA MET B 101 -10.56 -13.13 11.90
C MET B 101 -9.53 -14.23 11.74
N GLU B 102 -9.49 -14.82 10.54
CA GLU B 102 -8.58 -15.94 10.31
C GLU B 102 -8.20 -16.00 8.84
N MET B 103 -6.92 -16.26 8.58
CA MET B 103 -6.43 -16.37 7.23
C MET B 103 -6.81 -17.72 6.64
N SER B 104 -7.08 -17.74 5.33
CA SER B 104 -7.54 -18.91 4.62
C SER B 104 -6.63 -19.18 3.42
N PRO B 105 -6.58 -20.43 2.94
CA PRO B 105 -5.75 -20.74 1.78
C PRO B 105 -6.20 -20.07 0.50
N TRP B 106 -7.24 -19.24 0.53
CA TRP B 106 -7.68 -18.49 -0.64
C TRP B 106 -6.95 -17.17 -0.79
N PHE B 107 -5.99 -16.87 0.09
CA PHE B 107 -5.17 -15.67 -0.05
C PHE B 107 -3.87 -15.95 -0.79
N GLN B 108 -3.22 -17.07 -0.46
CA GLN B 108 -2.17 -17.71 -1.25
C GLN B 108 -0.85 -16.96 -1.30
N PHE B 109 -0.76 -15.78 -0.72
CA PHE B 109 0.54 -15.17 -0.47
C PHE B 109 0.38 -14.16 0.64
N MET B 110 1.49 -13.87 1.31
CA MET B 110 1.47 -13.14 2.58
C MET B 110 2.67 -12.21 2.61
N LEU B 111 2.47 -10.98 2.13
CA LEU B 111 3.54 -9.98 2.09
C LEU B 111 3.51 -9.14 3.35
N PHE B 112 4.67 -9.04 4.01
CA PHE B 112 4.83 -8.19 5.18
C PHE B 112 5.95 -7.21 4.95
N ILE B 113 5.72 -5.95 5.31
CA ILE B 113 6.72 -4.89 5.20
C ILE B 113 6.60 -4.01 6.43
N LEU B 114 7.73 -3.52 6.92
CA LEU B 114 7.80 -2.77 8.16
C LEU B 114 7.85 -1.28 7.89
N GLN B 115 7.16 -0.51 8.73
CA GLN B 115 7.14 0.95 8.66
C GLN B 115 7.54 1.49 10.03
N LEU B 116 8.84 1.64 10.24
CA LEU B 116 9.36 2.10 11.51
C LEU B 116 9.02 3.57 11.73
N ASP B 117 8.63 3.89 12.96
CA ASP B 117 8.39 5.27 13.38
C ASP B 117 9.57 5.70 14.24
N ILE B 118 10.39 6.61 13.71
CA ILE B 118 11.60 7.06 14.39
C ILE B 118 11.47 8.55 14.65
N ALA B 119 11.56 8.95 15.91
CA ALA B 119 11.47 10.35 16.28
C ALA B 119 12.82 11.03 16.14
N PHE B 120 12.78 12.30 15.78
CA PHE B 120 14.00 13.08 15.58
C PHE B 120 14.42 13.73 16.89
N LYS B 121 15.60 13.35 17.38
CA LYS B 121 16.18 13.93 18.58
C LYS B 121 17.56 14.46 18.25
N LEU B 122 17.87 15.66 18.76
CA LEU B 122 19.14 16.29 18.43
C LEU B 122 20.32 15.47 18.91
N ASN B 123 20.23 14.91 20.12
CA ASN B 123 21.33 14.12 20.65
C ASN B 123 21.42 12.76 19.97
N ASN B 124 20.28 12.11 19.74
CA ASN B 124 20.22 10.75 19.21
C ASN B 124 19.67 10.80 17.79
N GLN B 125 20.54 10.60 16.81
CA GLN B 125 20.17 10.65 15.41
C GLN B 125 20.62 9.38 14.69
N ILE B 126 20.11 9.20 13.49
CA ILE B 126 20.44 8.03 12.67
C ILE B 126 21.83 8.21 12.07
N ARG B 127 22.65 7.18 12.18
CA ARG B 127 24.02 7.23 11.66
C ARG B 127 24.01 7.27 10.14
N GLU B 128 25.21 7.40 9.57
CA GLU B 128 25.33 7.47 8.11
C GLU B 128 24.89 6.16 7.46
N ASN B 129 25.29 5.03 8.03
CA ASN B 129 24.92 3.70 7.53
C ASN B 129 24.29 2.94 8.71
N ALA B 130 22.99 3.13 8.89
CA ALA B 130 22.27 2.51 10.00
C ALA B 130 21.64 1.21 9.53
N GLU B 131 21.95 0.12 10.23
CA GLU B 131 21.38 -1.20 9.95
C GLU B 131 20.60 -1.65 11.18
N VAL B 132 19.39 -2.14 10.97
CA VAL B 132 18.54 -2.64 12.04
C VAL B 132 18.55 -4.16 11.98
N SER B 133 18.94 -4.79 13.09
CA SER B 133 18.99 -6.24 13.20
C SER B 133 17.84 -6.69 14.10
N MET B 134 16.99 -7.56 13.57
CA MET B 134 15.76 -7.95 14.24
C MET B 134 15.76 -9.45 14.51
N ASP B 135 15.57 -9.83 15.77
CA ASP B 135 15.48 -11.23 16.16
C ASP B 135 14.03 -11.68 15.97
N VAL B 136 13.69 -11.97 14.73
CA VAL B 136 12.30 -12.26 14.35
C VAL B 136 11.99 -13.73 14.58
N SER B 137 10.85 -13.99 15.19
CA SER B 137 10.32 -15.34 15.33
C SER B 137 8.89 -15.36 14.83
N LEU B 138 8.57 -16.30 13.95
CA LEU B 138 7.24 -16.44 13.39
C LEU B 138 6.65 -17.79 13.78
N ALA B 139 5.36 -17.80 14.08
CA ALA B 139 4.67 -19.00 14.54
C ALA B 139 3.33 -19.11 13.83
N TYR B 140 2.80 -20.33 13.81
CA TYR B 140 1.52 -20.61 13.18
C TYR B 140 0.63 -21.37 14.15
N ARG B 141 -0.67 -21.28 13.91
CA ARG B 141 -1.66 -21.97 14.74
C ARG B 141 -3.00 -22.04 14.03
N ASP B 142 -3.61 -23.22 14.00
CA ASP B 142 -4.90 -23.41 13.32
C ASP B 142 -6.09 -23.23 14.25
N ASP B 143 -5.98 -23.69 15.48
CA ASP B 143 -7.09 -23.64 16.43
C ASP B 143 -6.71 -22.73 17.59
N ALA B 144 -7.63 -21.86 17.98
CA ALA B 144 -7.44 -21.08 19.19
C ALA B 144 -7.44 -22.02 20.40
N PHE B 145 -6.89 -21.52 21.50
CA PHE B 145 -6.67 -22.33 22.70
C PHE B 145 -5.77 -23.53 22.38
N ALA B 146 -4.72 -23.29 21.61
CA ALA B 146 -3.75 -24.31 21.25
C ALA B 146 -2.37 -23.68 21.22
N GLU B 147 -1.35 -24.53 21.21
CA GLU B 147 0.02 -24.06 21.23
C GLU B 147 0.42 -23.50 19.87
N TRP B 148 1.47 -22.68 19.88
CA TRP B 148 2.07 -22.19 18.65
C TRP B 148 3.21 -23.11 18.22
N THR B 149 3.57 -23.02 16.95
CA THR B 149 4.68 -23.79 16.40
C THR B 149 5.56 -22.86 15.57
N GLU B 150 6.87 -22.92 15.80
CA GLU B 150 7.79 -22.01 15.14
C GLU B 150 7.94 -22.37 13.67
N MET B 151 7.63 -21.42 12.79
CA MET B 151 7.90 -21.62 11.37
C MET B 151 9.34 -21.25 11.04
N ALA B 152 9.73 -20.01 11.31
CA ALA B 152 11.09 -19.53 11.07
C ALA B 152 11.52 -18.65 12.22
N HIS B 153 12.84 -18.61 12.45
CA HIS B 153 13.41 -17.74 13.48
C HIS B 153 14.86 -17.44 13.09
N GLU B 154 15.08 -16.25 12.55
CA GLU B 154 16.42 -15.85 12.14
C GLU B 154 16.55 -14.34 12.25
N ARG B 155 17.79 -13.87 12.35
CA ARG B 155 18.05 -12.44 12.38
C ARG B 155 17.82 -11.83 11.00
N VAL B 156 17.11 -10.72 10.96
CA VAL B 156 16.71 -10.07 9.72
C VAL B 156 17.34 -8.67 9.68
N PRO B 157 18.48 -8.53 8.99
CA PRO B 157 19.13 -7.21 8.92
C PRO B 157 18.61 -6.36 7.79
N ARG B 158 18.22 -5.12 8.09
CA ARG B 158 17.73 -4.18 7.11
C ARG B 158 18.47 -2.86 7.26
N LYS B 159 18.62 -2.15 6.14
CA LYS B 159 19.29 -0.86 6.12
C LYS B 159 18.25 0.26 6.20
N LEU B 160 18.48 1.22 7.10
CA LEU B 160 17.53 2.30 7.36
C LEU B 160 17.84 3.45 6.41
N LYS B 161 17.01 3.62 5.39
CA LYS B 161 17.12 4.76 4.47
C LYS B 161 16.09 5.80 4.88
N CYS B 162 16.40 6.51 5.96
CA CYS B 162 15.51 7.50 6.54
C CYS B 162 16.04 8.91 6.26
N THR B 163 15.11 9.84 6.05
CA THR B 163 15.47 11.24 5.85
C THR B 163 14.52 12.11 6.69
N PHE B 164 15.00 13.29 7.05
CA PHE B 164 14.24 14.25 7.84
C PHE B 164 14.16 15.56 7.06
N THR B 165 13.04 15.75 6.35
CA THR B 165 12.89 16.94 5.52
C THR B 165 12.84 18.22 6.36
N SER B 166 12.28 18.13 7.57
CA SER B 166 12.16 19.29 8.43
C SER B 166 13.54 19.76 8.92
N PRO B 167 13.68 21.04 9.23
CA PRO B 167 14.95 21.54 9.77
C PRO B 167 15.28 20.89 11.11
N LYS B 168 16.57 20.80 11.40
CA LYS B 168 17.08 20.14 12.59
C LYS B 168 17.08 21.03 13.82
N THR B 169 16.27 22.10 13.82
CA THR B 169 16.16 22.97 14.98
C THR B 169 15.43 22.25 16.11
N PRO B 170 15.65 22.67 17.37
CA PRO B 170 14.90 22.05 18.47
C PRO B 170 13.40 22.29 18.40
N GLU B 171 12.96 23.29 17.65
CA GLU B 171 11.53 23.54 17.49
C GLU B 171 10.82 22.40 16.76
N HIS B 172 11.57 21.53 16.09
CA HIS B 172 11.00 20.42 15.35
C HIS B 172 11.42 19.06 15.92
N GLU B 173 11.89 19.05 17.17
CA GLU B 173 12.25 17.79 17.80
C GLU B 173 11.00 16.99 18.13
N GLY B 174 11.15 15.67 18.10
CA GLY B 174 10.02 14.78 18.30
C GLY B 174 9.25 14.44 17.05
N ARG B 175 9.56 15.08 15.92
CA ARG B 175 8.92 14.75 14.66
C ARG B 175 9.47 13.42 14.13
N TYR B 176 8.66 12.75 13.32
CA TYR B 176 9.03 11.44 12.81
C TYR B 176 9.91 11.55 11.58
N TYR B 177 10.86 10.63 11.46
CA TYR B 177 11.66 10.54 10.25
C TYR B 177 10.81 10.05 9.09
N GLU B 178 11.06 10.60 7.91
CA GLU B 178 10.40 10.14 6.68
C GLU B 178 11.27 9.07 6.06
N CYS B 179 10.96 7.82 6.34
CA CYS B 179 11.83 6.70 6.02
C CYS B 179 11.19 5.78 4.99
N ASP B 180 12.04 5.14 4.19
CA ASP B 180 11.57 4.17 3.22
C ASP B 180 11.11 2.90 3.92
N VAL B 181 10.22 2.17 3.24
CA VAL B 181 9.63 0.97 3.81
C VAL B 181 10.60 -0.20 3.67
N LEU B 182 10.73 -0.99 4.73
CA LEU B 182 11.63 -2.13 4.74
C LEU B 182 10.90 -3.38 4.29
N PRO B 183 11.37 -4.09 3.27
CA PRO B 183 10.77 -5.39 2.95
C PRO B 183 11.09 -6.40 4.04
N PHE B 184 10.06 -7.11 4.50
CA PHE B 184 10.18 -7.96 5.67
C PHE B 184 10.05 -9.44 5.35
N MET B 185 8.95 -9.87 4.75
CA MET B 185 8.74 -11.29 4.52
C MET B 185 7.69 -11.49 3.43
N GLU B 186 7.80 -12.62 2.74
CA GLU B 186 6.76 -13.08 1.82
C GLU B 186 6.80 -14.59 1.78
N ILE B 187 5.82 -15.24 2.40
CA ILE B 187 5.67 -16.69 2.33
C ILE B 187 4.71 -17.02 1.20
N GLY B 188 4.99 -18.10 0.47
CA GLY B 188 4.30 -18.40 -0.75
C GLY B 188 2.92 -19.02 -0.63
N SER B 189 2.45 -19.30 0.58
CA SER B 189 1.15 -19.92 0.76
C SER B 189 0.61 -19.57 2.13
N VAL B 190 -0.70 -19.40 2.22
CA VAL B 190 -1.39 -19.16 3.49
C VAL B 190 -1.78 -20.55 4.02
N ALA B 191 -0.84 -21.18 4.71
CA ALA B 191 -1.05 -22.55 5.16
C ALA B 191 -2.04 -22.62 6.33
N HIS B 192 -1.90 -21.72 7.29
CA HIS B 192 -2.56 -21.85 8.58
C HIS B 192 -3.42 -20.63 8.88
N LYS B 193 -4.34 -20.79 9.84
CA LYS B 193 -5.33 -19.76 10.11
C LYS B 193 -4.72 -18.55 10.81
N PHE B 194 -3.89 -18.80 11.83
CA PHE B 194 -3.35 -17.73 12.66
C PHE B 194 -1.83 -17.72 12.60
N TYR B 195 -1.26 -16.52 12.66
CA TYR B 195 0.18 -16.32 12.64
C TYR B 195 0.57 -15.36 13.74
N LEU B 196 1.62 -15.69 14.48
CA LEU B 196 2.18 -14.84 15.52
C LEU B 196 3.58 -14.42 15.12
N LEU B 197 3.86 -13.12 15.20
CA LEU B 197 5.13 -12.56 14.76
C LEU B 197 5.72 -11.74 15.89
N ASN B 198 6.85 -12.19 16.43
CA ASN B 198 7.56 -11.50 17.49
C ASN B 198 8.85 -10.93 16.92
N ILE B 199 9.04 -9.62 17.07
CA ILE B 199 10.21 -8.92 16.57
C ILE B 199 10.94 -8.33 17.77
N ARG B 200 12.23 -8.63 17.88
CA ARG B 200 13.06 -8.17 18.98
C ARG B 200 14.28 -7.43 18.42
N LEU B 201 14.71 -6.40 19.13
CA LEU B 201 15.78 -5.51 18.66
C LEU B 201 16.89 -5.45 19.70
N PRO B 202 17.70 -6.50 19.79
CA PRO B 202 18.81 -6.48 20.75
C PRO B 202 19.84 -5.44 20.37
N VAL B 203 20.49 -4.89 21.39
CA VAL B 203 21.50 -3.86 21.20
C VAL B 203 22.82 -4.35 21.78
N ASN B 204 23.91 -3.87 21.20
CA ASN B 204 25.25 -4.20 21.69
C ASN B 204 26.18 -3.05 21.33
N GLU B 205 26.89 -2.53 22.33
CA GLU B 205 27.81 -1.43 22.09
C GLU B 205 29.20 -1.92 21.71
N LYS B 206 29.61 -3.09 22.20
CA LYS B 206 30.93 -3.61 21.88
C LYS B 206 31.06 -3.91 20.39
N LYS B 207 30.04 -4.52 19.80
CA LYS B 207 29.94 -4.70 18.35
C LYS B 207 28.66 -4.01 17.88
N LYS B 208 28.78 -3.21 16.83
CA LYS B 208 27.71 -2.29 16.45
C LYS B 208 26.53 -3.07 15.88
N ILE B 209 25.56 -3.37 16.75
CA ILE B 209 24.27 -3.93 16.35
C ILE B 209 23.18 -3.09 17.00
N ASN B 210 22.29 -2.55 16.17
CA ASN B 210 21.21 -1.67 16.63
C ASN B 210 21.76 -0.50 17.44
N VAL B 211 22.81 0.12 16.91
CA VAL B 211 23.43 1.30 17.50
C VAL B 211 23.22 2.47 16.57
N GLY B 212 22.67 3.56 17.11
CA GLY B 212 22.43 4.74 16.30
C GLY B 212 21.36 4.57 15.25
N ILE B 213 20.41 3.67 15.48
CA ILE B 213 19.32 3.44 14.54
C ILE B 213 18.22 4.47 14.78
N GLY B 214 18.49 5.44 15.65
CA GLY B 214 17.53 6.48 15.94
C GLY B 214 16.80 6.26 17.25
N GLU B 215 15.59 6.81 17.34
CA GLU B 215 14.73 6.67 18.51
C GLU B 215 13.41 6.09 18.02
N ILE B 216 13.33 4.76 17.97
CA ILE B 216 12.15 4.09 17.45
C ILE B 216 11.01 4.21 18.45
N LYS B 217 9.88 4.71 18.00
CA LYS B 217 8.68 4.77 18.84
C LYS B 217 7.80 3.54 18.62
N ASP B 218 7.35 3.34 17.39
CA ASP B 218 6.54 2.19 17.02
C ASP B 218 7.05 1.63 15.70
N ILE B 219 6.79 0.34 15.47
CA ILE B 219 7.02 -0.28 14.18
C ILE B 219 5.69 -0.81 13.68
N ARG B 220 5.34 -0.45 12.45
CA ARG B 220 4.10 -0.89 11.81
C ARG B 220 4.38 -2.07 10.89
N LEU B 221 3.30 -2.66 10.40
CA LEU B 221 3.43 -3.80 9.49
C LEU B 221 2.16 -3.90 8.67
N VAL B 222 2.32 -4.06 7.35
CA VAL B 222 1.20 -4.15 6.42
C VAL B 222 1.15 -5.56 5.87
N GLY B 223 -0.02 -6.19 5.99
CA GLY B 223 -0.23 -7.52 5.46
C GLY B 223 -0.98 -7.47 4.16
N ILE B 224 -0.39 -8.08 3.12
CA ILE B 224 -0.94 -8.06 1.77
C ILE B 224 -1.27 -9.48 1.37
N HIS B 225 -2.46 -9.69 0.83
CA HIS B 225 -2.87 -10.99 0.31
C HIS B 225 -3.88 -10.76 -0.82
N GLN B 226 -4.23 -11.86 -1.49
CA GLN B 226 -4.97 -11.78 -2.75
C GLN B 226 -6.49 -11.72 -2.54
N ASN B 227 -6.94 -11.28 -1.37
CA ASN B 227 -8.32 -10.83 -1.15
C ASN B 227 -9.33 -11.97 -1.10
N GLY B 228 -8.92 -13.19 -1.45
CA GLY B 228 -9.77 -14.34 -1.29
C GLY B 228 -11.01 -14.40 -2.16
N GLY B 229 -11.38 -13.26 -2.76
CA GLY B 229 -12.52 -13.21 -3.64
C GLY B 229 -12.07 -13.03 -5.07
N PHE B 230 -10.99 -12.26 -5.24
CA PHE B 230 -10.30 -12.22 -6.52
C PHE B 230 -9.70 -13.57 -6.86
N THR B 231 -9.26 -14.32 -5.85
CA THR B 231 -8.69 -15.64 -6.09
C THR B 231 -9.72 -16.61 -6.65
N LYS B 232 -10.94 -16.60 -6.10
CA LYS B 232 -11.97 -17.52 -6.58
C LYS B 232 -12.36 -17.21 -8.02
N VAL B 233 -12.50 -15.92 -8.35
CA VAL B 233 -12.85 -15.54 -9.72
C VAL B 233 -11.70 -15.87 -10.67
N TRP B 234 -10.46 -15.65 -10.24
CA TRP B 234 -9.31 -16.02 -11.05
C TRP B 234 -9.29 -17.53 -11.30
N PHE B 235 -9.60 -18.32 -10.28
CA PHE B 235 -9.63 -19.77 -10.42
C PHE B 235 -10.73 -20.21 -11.37
N ALA B 236 -11.91 -19.59 -11.26
CA ALA B 236 -12.99 -19.91 -12.19
C ALA B 236 -12.60 -19.57 -13.62
N MET B 237 -11.95 -18.43 -13.82
CA MET B 237 -11.51 -18.05 -15.15
C MET B 237 -10.48 -19.03 -15.71
N LYS B 238 -9.52 -19.44 -14.88
CA LYS B 238 -8.52 -20.39 -15.33
C LYS B 238 -9.13 -21.75 -15.65
N THR B 239 -10.08 -22.20 -14.83
CA THR B 239 -10.76 -23.46 -15.08
C THR B 239 -11.58 -23.41 -16.36
N PHE B 240 -12.18 -22.25 -16.66
CA PHE B 240 -12.93 -22.11 -17.91
C PHE B 240 -12.00 -21.97 -19.12
N LEU B 241 -10.81 -21.40 -18.93
CA LEU B 241 -9.91 -21.14 -20.04
C LEU B 241 -9.05 -22.34 -20.41
N THR B 242 -8.69 -23.19 -19.45
CA THR B 242 -7.83 -24.32 -19.78
C THR B 242 -8.44 -25.30 -20.79
N PRO B 243 -9.72 -25.70 -20.72
CA PRO B 243 -10.19 -26.70 -21.69
C PRO B 243 -10.36 -26.13 -23.08
N SER B 244 -10.76 -24.85 -23.20
CA SER B 244 -10.90 -24.24 -24.51
C SER B 244 -9.55 -24.19 -25.24
N ILE B 245 -8.52 -23.69 -24.56
CA ILE B 245 -7.20 -23.60 -25.16
C ILE B 245 -6.65 -25.00 -25.46
N PHE B 246 -6.84 -25.94 -24.53
CA PHE B 246 -6.34 -27.28 -24.75
C PHE B 246 -7.00 -27.94 -25.96
N ILE B 247 -8.32 -27.81 -26.08
CA ILE B 247 -9.04 -28.41 -27.19
C ILE B 247 -8.63 -27.75 -28.51
N ILE B 248 -8.51 -26.42 -28.52
CA ILE B 248 -8.15 -25.76 -29.77
C ILE B 248 -6.73 -26.12 -30.17
N MET B 249 -5.83 -26.31 -29.20
CA MET B 249 -4.45 -26.70 -29.54
C MET B 249 -4.39 -28.12 -30.06
N VAL B 250 -5.15 -29.04 -29.44
CA VAL B 250 -5.21 -30.41 -29.92
C VAL B 250 -5.76 -30.45 -31.35
N TRP B 251 -6.83 -29.69 -31.60
CA TRP B 251 -7.42 -29.62 -32.93
C TRP B 251 -6.44 -29.04 -33.94
N TYR B 252 -5.72 -27.99 -33.55
CA TYR B 252 -4.73 -27.36 -34.41
C TYR B 252 -3.64 -28.35 -34.82
N TRP B 253 -3.04 -29.03 -33.84
CA TRP B 253 -1.97 -29.96 -34.18
C TRP B 253 -2.50 -31.20 -34.90
N ARG B 254 -3.73 -31.61 -34.61
CA ARG B 254 -4.31 -32.73 -35.34
C ARG B 254 -4.50 -32.38 -36.81
N ARG B 255 -4.95 -31.16 -37.09
CA ARG B 255 -5.05 -30.73 -38.48
C ARG B 255 -3.68 -30.61 -39.14
N ILE B 256 -2.67 -30.12 -38.40
CA ILE B 256 -1.34 -30.00 -38.99
C ILE B 256 -0.77 -31.38 -39.32
N THR B 257 -0.88 -32.33 -38.40
CA THR B 257 -0.39 -33.68 -38.69
C THR B 257 -1.43 -34.45 -39.49
N MET B 258 -1.92 -33.85 -40.57
CA MET B 258 -2.81 -34.53 -41.50
C MET B 258 -2.50 -34.19 -42.95
N MET B 259 -1.48 -33.37 -43.21
CA MET B 259 -1.07 -33.01 -44.56
C MET B 259 0.23 -33.72 -44.91
N SER B 260 0.49 -33.79 -46.21
CA SER B 260 1.71 -34.44 -46.68
C SER B 260 2.95 -33.70 -46.19
N ARG B 261 2.91 -32.37 -46.23
CA ARG B 261 4.08 -31.58 -45.88
C ARG B 261 4.36 -31.66 -44.38
N PRO B 262 5.62 -31.60 -43.98
CA PRO B 262 5.95 -31.42 -42.57
C PRO B 262 5.64 -30.00 -42.12
N PRO B 263 5.39 -29.78 -40.83
CA PRO B 263 5.04 -28.44 -40.37
C PRO B 263 6.16 -27.44 -40.64
N VAL B 264 5.78 -26.23 -41.02
CA VAL B 264 6.72 -25.12 -41.22
C VAL B 264 7.01 -24.49 -39.86
N LEU B 265 8.00 -23.60 -39.83
CA LEU B 265 8.44 -23.04 -38.54
C LEU B 265 7.33 -22.25 -37.87
N LEU B 266 6.56 -21.46 -38.63
CA LEU B 266 5.55 -20.61 -38.03
C LEU B 266 4.48 -21.41 -37.30
N GLU B 267 4.05 -22.52 -37.90
CA GLU B 267 3.04 -23.36 -37.26
C GLU B 267 3.58 -23.99 -35.98
N LYS B 268 4.85 -24.41 -35.98
CA LYS B 268 5.44 -24.97 -34.76
C LYS B 268 5.57 -23.91 -33.68
N VAL B 269 5.89 -22.68 -34.06
CA VAL B 269 5.99 -21.60 -33.08
C VAL B 269 4.61 -21.29 -32.49
N ILE B 270 3.57 -21.32 -33.33
CA ILE B 270 2.21 -21.11 -32.83
C ILE B 270 1.81 -22.24 -31.89
N PHE B 271 2.19 -23.47 -32.23
CA PHE B 271 1.93 -24.61 -31.34
C PHE B 271 2.63 -24.43 -30.00
N ALA B 272 3.88 -23.97 -30.02
CA ALA B 272 4.61 -23.74 -28.78
C ALA B 272 3.98 -22.63 -27.95
N LEU B 273 3.51 -21.57 -28.61
CA LEU B 273 2.83 -20.49 -27.89
C LEU B 273 1.54 -20.99 -27.24
N GLY B 274 0.80 -21.81 -27.98
CA GLY B 274 -0.38 -22.42 -27.38
C GLY B 274 -0.04 -23.33 -26.21
N ILE B 275 1.08 -24.06 -26.32
CA ILE B 275 1.53 -24.89 -25.21
C ILE B 275 1.83 -24.04 -23.98
N SER B 276 2.50 -22.91 -24.18
CA SER B 276 2.82 -22.03 -23.05
C SER B 276 1.56 -21.44 -22.43
N MET B 277 0.60 -21.02 -23.25
CA MET B 277 -0.66 -20.50 -22.70
C MET B 277 -1.40 -21.59 -21.93
N THR B 278 -1.40 -22.82 -22.45
CA THR B 278 -2.00 -23.93 -21.73
C THR B 278 -1.29 -24.16 -20.40
N PHE B 279 0.04 -24.10 -20.41
CA PHE B 279 0.80 -24.27 -19.18
C PHE B 279 0.41 -23.22 -18.14
N ILE B 280 0.22 -21.97 -18.58
CA ILE B 280 -0.22 -20.94 -17.65
C ILE B 280 -1.60 -21.27 -17.09
N ASN B 281 -2.55 -21.59 -17.97
CA ASN B 281 -3.93 -21.65 -17.51
C ASN B 281 -4.34 -23.03 -16.99
N ILE B 282 -3.39 -23.96 -16.84
CA ILE B 282 -3.68 -25.14 -16.03
C ILE B 282 -3.92 -24.70 -14.59
N PRO B 283 -5.06 -25.04 -14.00
CA PRO B 283 -5.38 -24.54 -12.65
C PRO B 283 -4.68 -25.36 -11.57
N VAL B 284 -3.36 -25.21 -11.51
CA VAL B 284 -2.57 -25.91 -10.49
C VAL B 284 -2.89 -25.37 -9.10
N GLU B 285 -3.17 -24.07 -8.99
CA GLU B 285 -3.32 -23.43 -7.70
C GLU B 285 -4.56 -23.88 -6.93
N TRP B 286 -5.49 -24.60 -7.56
CA TRP B 286 -6.52 -25.28 -6.77
C TRP B 286 -5.91 -26.23 -5.75
N PHE B 287 -4.77 -26.82 -6.08
CA PHE B 287 -4.13 -27.76 -5.16
C PHE B 287 -3.54 -27.06 -3.95
N SER B 288 -3.42 -25.74 -3.98
CA SER B 288 -2.93 -24.97 -2.84
C SER B 288 -3.99 -24.80 -1.76
N ILE B 289 -5.26 -25.12 -2.04
CA ILE B 289 -6.30 -24.98 -1.03
C ILE B 289 -6.26 -26.14 -0.03
N GLY B 290 -5.80 -27.30 -0.45
CA GLY B 290 -5.71 -28.44 0.44
C GLY B 290 -4.30 -28.72 0.92
N PHE B 291 -3.32 -28.31 0.13
CA PHE B 291 -1.91 -28.54 0.42
C PHE B 291 -1.18 -27.22 0.44
N ASP B 292 -0.18 -27.11 1.32
CA ASP B 292 0.63 -25.90 1.42
C ASP B 292 1.97 -26.09 0.74
N TRP B 293 2.20 -25.32 -0.33
CA TRP B 293 3.44 -25.37 -1.10
C TRP B 293 3.94 -23.95 -1.25
N THR B 294 5.06 -23.63 -0.61
CA THR B 294 5.61 -22.28 -0.68
C THR B 294 6.21 -21.95 -2.04
N TRP B 295 6.35 -22.93 -2.93
CA TRP B 295 6.95 -22.71 -4.24
C TRP B 295 5.92 -22.36 -5.31
N MET B 296 4.70 -22.00 -4.92
CA MET B 296 3.67 -21.71 -5.89
C MET B 296 3.93 -20.40 -6.63
N LEU B 297 4.44 -19.39 -5.91
CA LEU B 297 4.77 -18.12 -6.56
C LEU B 297 5.88 -18.30 -7.59
N LEU B 298 6.88 -19.12 -7.26
CA LEU B 298 7.93 -19.42 -8.24
C LEU B 298 7.35 -20.08 -9.48
N PHE B 299 6.44 -21.04 -9.28
CA PHE B 299 5.84 -21.73 -10.42
C PHE B 299 5.05 -20.77 -11.30
N GLY B 300 4.20 -19.96 -10.68
CA GLY B 300 3.40 -19.00 -11.43
C GLY B 300 4.20 -17.88 -12.06
N ASP B 301 5.37 -17.57 -11.51
CA ASP B 301 6.30 -16.62 -12.10
C ASP B 301 7.01 -17.21 -13.32
N ILE B 302 7.49 -18.45 -13.18
CA ILE B 302 8.19 -19.10 -14.29
C ILE B 302 7.23 -19.32 -15.46
N ARG B 303 5.98 -19.69 -15.18
CA ARG B 303 5.02 -19.92 -16.26
C ARG B 303 4.83 -18.68 -17.11
N GLN B 304 4.56 -17.54 -16.48
CA GLN B 304 4.30 -16.33 -17.24
C GLN B 304 5.58 -15.76 -17.85
N GLY B 305 6.74 -15.98 -17.23
CA GLY B 305 7.98 -15.63 -17.89
C GLY B 305 8.21 -16.41 -19.16
N ILE B 306 7.93 -17.72 -19.11
CA ILE B 306 8.04 -18.56 -20.29
C ILE B 306 7.10 -18.07 -21.38
N PHE B 307 5.86 -17.74 -21.00
CA PHE B 307 4.91 -17.25 -21.99
C PHE B 307 5.36 -15.93 -22.61
N TYR B 308 5.91 -15.01 -21.79
CA TYR B 308 6.39 -13.75 -22.35
C TYR B 308 7.52 -13.98 -23.32
N ALA B 309 8.45 -14.86 -22.98
CA ALA B 309 9.56 -15.16 -23.88
C ALA B 309 9.05 -15.78 -25.18
N MET B 310 8.12 -16.72 -25.09
CA MET B 310 7.58 -17.34 -26.30
C MET B 310 6.78 -16.36 -27.13
N LEU B 311 6.10 -15.40 -26.49
CA LEU B 311 5.36 -14.39 -27.25
C LEU B 311 6.31 -13.47 -28.00
N LEU B 312 7.40 -13.04 -27.36
CA LEU B 312 8.40 -12.24 -28.06
C LEU B 312 9.01 -13.02 -29.22
N SER B 313 9.33 -14.29 -28.98
CA SER B 313 9.88 -15.13 -30.04
C SER B 313 8.90 -15.28 -31.18
N PHE B 314 7.62 -15.48 -30.88
CA PHE B 314 6.61 -15.61 -31.93
C PHE B 314 6.51 -14.33 -32.73
N TRP B 315 6.53 -13.17 -32.06
CA TRP B 315 6.45 -11.90 -32.79
C TRP B 315 7.62 -11.76 -33.75
N ILE B 316 8.84 -12.01 -33.28
CA ILE B 316 10.00 -11.79 -34.12
C ILE B 316 10.05 -12.81 -35.26
N ILE B 317 9.65 -14.05 -35.00
CA ILE B 317 9.67 -15.08 -36.05
C ILE B 317 8.56 -14.83 -37.06
N PHE B 318 7.40 -14.36 -36.61
CA PHE B 318 6.33 -14.01 -37.53
C PHE B 318 6.74 -12.87 -38.44
N CYS B 319 7.44 -11.87 -37.88
CA CYS B 319 7.92 -10.77 -38.72
C CYS B 319 8.99 -11.25 -39.69
N GLY B 320 9.89 -12.12 -39.24
CA GLY B 320 10.95 -12.58 -40.12
C GLY B 320 10.46 -13.48 -41.24
N GLU B 321 9.52 -14.37 -40.94
CA GLU B 321 9.03 -15.33 -41.92
C GLU B 321 8.19 -14.69 -43.00
N HIS B 322 7.59 -13.53 -42.73
CA HIS B 322 6.66 -12.91 -43.66
C HIS B 322 7.33 -11.95 -44.63
N MET B 323 8.66 -11.84 -44.61
CA MET B 323 9.35 -11.07 -45.62
C MET B 323 9.52 -11.90 -46.89
N MET B 324 9.15 -11.32 -48.02
CA MET B 324 9.15 -12.04 -49.29
C MET B 324 10.51 -11.90 -49.98
N ASP B 325 11.55 -12.40 -49.31
CA ASP B 325 12.91 -12.26 -49.78
C ASP B 325 13.36 -13.55 -50.46
N GLN B 326 14.58 -13.51 -51.01
CA GLN B 326 15.13 -14.69 -51.65
C GLN B 326 15.48 -15.78 -50.65
N HIS B 327 15.82 -15.40 -49.42
CA HIS B 327 16.17 -16.37 -48.40
C HIS B 327 14.93 -17.08 -47.87
N GLU B 328 15.12 -18.35 -47.51
CA GLU B 328 14.10 -19.14 -46.83
C GLU B 328 14.41 -19.13 -45.34
N ARG B 329 13.46 -18.66 -44.53
CA ARG B 329 13.70 -18.35 -43.14
C ARG B 329 12.96 -19.28 -42.18
N ASN B 330 12.89 -20.56 -42.53
CA ASN B 330 12.55 -21.61 -41.57
C ASN B 330 13.81 -21.96 -40.79
N HIS B 331 13.80 -23.10 -40.09
CA HIS B 331 15.05 -23.62 -39.53
C HIS B 331 15.67 -22.67 -38.51
N ILE B 332 15.10 -22.63 -37.30
CA ILE B 332 15.41 -21.66 -36.25
C ILE B 332 16.89 -21.33 -36.19
N ALA B 333 17.75 -22.31 -36.48
CA ALA B 333 19.18 -22.03 -36.54
C ALA B 333 19.44 -21.00 -37.63
N GLY B 334 19.72 -19.77 -37.20
CA GLY B 334 19.79 -18.64 -38.11
C GLY B 334 19.06 -17.45 -37.53
N TYR B 335 18.30 -17.68 -36.46
CA TYR B 335 17.63 -16.62 -35.74
C TYR B 335 18.47 -16.21 -34.54
N TRP B 336 19.58 -15.52 -34.83
CA TRP B 336 20.33 -14.82 -33.80
C TRP B 336 19.53 -13.66 -33.24
N LYS B 337 18.45 -13.26 -33.91
CA LYS B 337 17.57 -12.19 -33.46
C LYS B 337 16.66 -12.65 -32.32
N GLN B 338 16.25 -13.91 -32.32
CA GLN B 338 15.35 -14.43 -31.30
C GLN B 338 16.12 -14.98 -30.10
N VAL B 339 16.97 -15.98 -30.33
CA VAL B 339 17.70 -16.59 -29.22
C VAL B 339 18.76 -15.67 -28.64
N GLY B 340 19.07 -14.55 -29.32
CA GLY B 340 20.09 -13.66 -28.84
C GLY B 340 19.67 -12.88 -27.60
N PRO B 341 18.76 -11.93 -27.78
CA PRO B 341 18.32 -11.13 -26.62
C PRO B 341 17.25 -11.80 -25.78
N ILE B 342 16.33 -12.52 -26.40
CA ILE B 342 15.20 -13.08 -25.66
C ILE B 342 15.68 -14.17 -24.71
N ALA B 343 16.49 -15.10 -25.21
CA ALA B 343 16.94 -16.20 -24.36
C ALA B 343 17.85 -15.71 -23.26
N VAL B 344 18.77 -14.80 -23.56
CA VAL B 344 19.68 -14.28 -22.56
C VAL B 344 18.91 -13.52 -21.48
N GLY B 345 17.97 -12.67 -21.89
CA GLY B 345 17.17 -11.94 -20.92
C GLY B 345 16.32 -12.85 -20.06
N SER B 346 15.72 -13.87 -20.67
CA SER B 346 14.92 -14.82 -19.90
C SER B 346 15.78 -15.59 -18.91
N PHE B 347 16.98 -15.99 -19.32
CA PHE B 347 17.87 -16.69 -18.40
C PHE B 347 18.30 -15.78 -17.24
N CYS B 348 18.60 -14.52 -17.54
CA CYS B 348 18.98 -13.59 -16.49
C CYS B 348 17.84 -13.36 -15.50
N LEU B 349 16.62 -13.20 -16.01
CA LEU B 349 15.48 -13.03 -15.12
C LEU B 349 15.18 -14.31 -14.33
N PHE B 350 15.44 -15.48 -14.93
CA PHE B 350 15.29 -16.73 -14.19
C PHE B 350 16.29 -16.82 -13.04
N ILE B 351 17.54 -16.43 -13.29
CA ILE B 351 18.52 -16.42 -12.22
C ILE B 351 18.11 -15.41 -11.14
N PHE B 352 17.60 -14.26 -11.55
CA PHE B 352 17.16 -13.25 -10.59
C PHE B 352 16.03 -13.77 -9.70
N ASP B 353 15.03 -14.43 -10.30
CA ASP B 353 13.90 -14.88 -9.50
C ASP B 353 14.27 -16.09 -8.66
N MET B 354 15.23 -16.90 -9.12
CA MET B 354 15.71 -18.00 -8.30
C MET B 354 16.54 -17.51 -7.12
N CYS B 355 17.23 -16.39 -7.29
CA CYS B 355 18.03 -15.81 -6.21
C CYS B 355 17.22 -14.87 -5.32
N GLU B 356 16.00 -14.49 -5.72
CA GLU B 356 15.16 -13.62 -4.91
C GLU B 356 13.96 -14.35 -4.33
N ARG B 357 13.12 -14.95 -5.16
CA ARG B 357 11.96 -15.68 -4.67
C ARG B 357 12.26 -17.15 -4.39
N GLY B 358 13.37 -17.67 -4.90
CA GLY B 358 13.74 -19.05 -4.66
C GLY B 358 14.39 -19.25 -3.31
N VAL B 359 15.20 -18.28 -2.88
CA VAL B 359 15.83 -18.37 -1.57
C VAL B 359 14.81 -18.06 -0.48
N GLN B 360 13.76 -17.30 -0.80
CA GLN B 360 12.72 -17.00 0.16
C GLN B 360 11.97 -18.24 0.62
N LEU B 361 12.10 -19.35 -0.11
CA LEU B 361 11.45 -20.60 0.30
C LEU B 361 12.02 -21.09 1.62
N THR B 362 13.34 -21.21 1.71
CA THR B 362 13.97 -21.67 2.95
C THR B 362 13.93 -20.60 4.02
N ASN B 363 14.27 -19.36 3.65
CA ASN B 363 14.28 -18.24 4.58
C ASN B 363 13.24 -17.23 4.14
N PRO B 364 12.06 -17.19 4.78
CA PRO B 364 11.01 -16.27 4.32
C PRO B 364 11.39 -14.80 4.40
N PHE B 365 12.37 -14.45 5.23
CA PHE B 365 12.77 -13.06 5.40
C PHE B 365 13.95 -12.66 4.52
N TYR B 366 14.41 -13.55 3.65
CA TYR B 366 15.53 -13.22 2.77
C TYR B 366 15.11 -12.22 1.72
N SER B 367 15.93 -11.18 1.52
CA SER B 367 15.76 -10.24 0.43
C SER B 367 17.11 -10.05 -0.23
N ILE B 368 17.14 -10.08 -1.56
CA ILE B 368 18.41 -9.92 -2.28
C ILE B 368 18.96 -8.52 -2.19
N TRP B 369 18.14 -7.54 -1.77
CA TRP B 369 18.58 -6.15 -1.73
C TRP B 369 19.34 -5.79 -0.47
N THR B 370 19.32 -6.63 0.57
CA THR B 370 19.97 -6.27 1.81
C THR B 370 21.49 -6.43 1.73
N THR B 371 21.97 -7.41 0.97
CA THR B 371 23.40 -7.64 0.87
C THR B 371 24.05 -6.54 0.05
N ASP B 372 25.26 -6.14 0.45
CA ASP B 372 25.98 -5.10 -0.28
C ASP B 372 26.32 -5.56 -1.70
N ILE B 373 26.79 -6.80 -1.83
CA ILE B 373 27.09 -7.34 -3.15
C ILE B 373 25.89 -8.03 -3.78
N GLY B 374 24.94 -8.50 -2.97
CA GLY B 374 23.74 -9.10 -3.53
C GLY B 374 22.93 -8.14 -4.36
N THR B 375 22.76 -6.91 -3.86
CA THR B 375 22.03 -5.91 -4.63
C THR B 375 22.79 -5.54 -5.91
N GLU B 376 24.12 -5.55 -5.86
CA GLU B 376 24.91 -5.27 -7.06
C GLU B 376 24.69 -6.34 -8.10
N LEU B 377 24.78 -7.61 -7.71
CA LEU B 377 24.56 -8.71 -8.65
C LEU B 377 23.14 -8.69 -9.21
N ALA B 378 22.16 -8.45 -8.34
CA ALA B 378 20.78 -8.39 -8.81
C ALA B 378 20.60 -7.28 -9.82
N MET B 379 21.00 -6.06 -9.47
CA MET B 379 20.85 -4.93 -10.37
C MET B 379 21.60 -5.16 -11.67
N ALA B 380 22.73 -5.86 -11.63
CA ALA B 380 23.39 -6.24 -12.87
C ALA B 380 22.51 -7.15 -13.70
N PHE B 381 21.81 -8.09 -13.06
CA PHE B 381 20.92 -8.98 -13.79
C PHE B 381 19.77 -8.22 -14.45
N ILE B 382 19.13 -7.31 -13.71
CA ILE B 382 18.06 -6.51 -14.34
C ILE B 382 18.63 -5.60 -15.43
N ILE B 383 19.85 -5.08 -15.25
CA ILE B 383 20.45 -4.25 -16.27
C ILE B 383 20.66 -5.04 -17.55
N VAL B 384 21.17 -6.26 -17.43
CA VAL B 384 21.39 -7.09 -18.61
C VAL B 384 20.05 -7.46 -19.26
N ALA B 385 19.04 -7.77 -18.45
CA ALA B 385 17.73 -8.08 -19.01
C ALA B 385 17.13 -6.89 -19.75
N GLY B 386 17.30 -5.69 -19.20
CA GLY B 386 16.80 -4.51 -19.88
C GLY B 386 17.54 -4.21 -21.16
N ILE B 387 18.86 -4.43 -21.16
CA ILE B 387 19.64 -4.29 -22.39
C ILE B 387 19.15 -5.27 -23.44
N CYS B 388 18.88 -6.51 -23.04
CA CYS B 388 18.36 -7.50 -23.97
C CYS B 388 16.99 -7.08 -24.51
N LEU B 389 16.13 -6.56 -23.65
CA LEU B 389 14.81 -6.13 -24.11
C LEU B 389 14.92 -4.97 -25.09
N CYS B 390 15.79 -4.00 -24.81
CA CYS B 390 15.99 -2.90 -25.74
C CYS B 390 16.54 -3.37 -27.07
N LEU B 391 17.49 -4.31 -27.04
CA LEU B 391 18.05 -4.86 -28.27
C LEU B 391 16.97 -5.60 -29.07
N TYR B 392 16.11 -6.35 -28.38
CA TYR B 392 15.03 -7.04 -29.07
C TYR B 392 14.06 -6.06 -29.70
N PHE B 393 13.73 -4.98 -29.00
CA PHE B 393 12.84 -3.97 -29.59
C PHE B 393 13.48 -3.32 -30.80
N LEU B 394 14.78 -3.04 -30.74
CA LEU B 394 15.47 -2.46 -31.88
C LEU B 394 15.44 -3.41 -33.07
N PHE B 395 15.70 -4.70 -32.83
CA PHE B 395 15.64 -5.68 -33.91
C PHE B 395 14.24 -5.80 -34.47
N LEU B 396 13.22 -5.74 -33.61
CA LEU B 396 11.84 -5.84 -34.08
C LEU B 396 11.48 -4.64 -34.96
N CYS B 397 11.90 -3.43 -34.56
CA CYS B 397 11.64 -2.26 -35.39
C CYS B 397 12.37 -2.35 -36.72
N PHE B 398 13.62 -2.83 -36.70
CA PHE B 398 14.36 -3.02 -37.96
C PHE B 398 13.66 -4.02 -38.86
N MET B 399 13.18 -5.13 -38.29
CA MET B 399 12.48 -6.13 -39.08
C MET B 399 11.17 -5.59 -39.64
N VAL B 400 10.45 -4.80 -38.86
CA VAL B 400 9.21 -4.21 -39.33
C VAL B 400 9.49 -3.25 -40.50
N PHE B 401 10.51 -2.42 -40.36
CA PHE B 401 10.88 -1.53 -41.45
C PHE B 401 11.27 -2.32 -42.70
N GLN B 402 12.04 -3.40 -42.52
CA GLN B 402 12.48 -4.19 -43.65
C GLN B 402 11.31 -4.86 -44.35
N VAL B 403 10.36 -5.41 -43.59
CA VAL B 403 9.23 -6.10 -44.22
C VAL B 403 8.30 -5.11 -44.90
N PHE B 404 8.13 -3.91 -44.32
CA PHE B 404 7.35 -2.89 -45.01
C PHE B 404 8.03 -2.46 -46.31
N ARG B 405 9.35 -2.29 -46.29
CA ARG B 405 10.06 -1.95 -47.51
C ARG B 405 9.93 -3.05 -48.56
N ASN B 406 10.01 -4.31 -48.14
CA ASN B 406 9.85 -5.42 -49.06
C ASN B 406 8.44 -5.47 -49.63
N ILE B 407 7.43 -5.21 -48.80
CA ILE B 407 6.04 -5.19 -49.28
C ILE B 407 5.87 -4.08 -50.30
N SER B 408 6.42 -2.90 -50.03
CA SER B 408 6.34 -1.79 -50.97
C SER B 408 7.03 -2.13 -52.29
N GLY B 409 8.18 -2.80 -52.21
CA GLY B 409 8.88 -3.19 -53.43
C GLY B 409 8.10 -4.21 -54.24
N LYS B 410 7.53 -5.22 -53.57
CA LYS B 410 6.74 -6.23 -54.27
C LYS B 410 5.49 -5.61 -54.90
N GLN B 411 4.79 -4.77 -54.14
CA GLN B 411 3.48 -4.29 -54.58
C GLN B 411 3.55 -3.50 -55.88
N SER B 412 4.73 -3.02 -56.26
CA SER B 412 4.90 -2.42 -57.58
C SER B 412 4.94 -3.46 -58.70
N SER B 413 4.97 -4.75 -58.36
CA SER B 413 5.05 -5.79 -59.39
C SER B 413 4.07 -6.94 -59.16
N LEU B 414 3.10 -6.80 -58.25
CA LEU B 414 2.02 -7.77 -58.19
C LEU B 414 1.19 -7.83 -59.47
N PRO B 415 0.76 -6.73 -60.08
CA PRO B 415 -0.05 -6.86 -61.31
C PRO B 415 0.66 -7.61 -62.43
N ALA B 416 1.98 -7.53 -62.50
CA ALA B 416 2.73 -8.21 -63.56
C ALA B 416 3.18 -9.61 -63.13
N MET B 417 2.24 -10.43 -62.67
CA MET B 417 2.52 -11.80 -62.28
C MET B 417 1.47 -12.72 -62.91
N SER B 418 1.61 -14.02 -62.64
CA SER B 418 0.81 -15.05 -63.30
C SER B 418 -0.50 -15.32 -62.56
N LYS B 419 -1.00 -14.38 -61.77
CA LYS B 419 -2.29 -14.43 -61.06
C LYS B 419 -2.51 -15.78 -60.36
N VAL B 420 -1.43 -16.47 -60.01
CA VAL B 420 -1.51 -17.70 -59.22
C VAL B 420 -0.66 -17.50 -57.98
N ARG B 421 0.63 -17.23 -58.19
CA ARG B 421 1.50 -16.80 -57.10
C ARG B 421 1.25 -15.35 -56.70
N ARG B 422 0.65 -14.55 -57.59
CA ARG B 422 0.29 -13.18 -57.24
C ARG B 422 -0.73 -13.16 -56.11
N LEU B 423 -1.73 -14.04 -56.18
CA LEU B 423 -2.68 -14.17 -55.07
C LEU B 423 -1.98 -14.66 -53.81
N HIS B 424 -0.97 -15.52 -53.95
CA HIS B 424 -0.22 -15.97 -52.80
C HIS B 424 0.46 -14.80 -52.11
N TYR B 425 1.12 -13.93 -52.88
CA TYR B 425 1.80 -12.79 -52.29
C TYR B 425 0.82 -11.78 -51.71
N GLU B 426 -0.29 -11.53 -52.40
CA GLU B 426 -1.30 -10.62 -51.87
C GLU B 426 -1.86 -11.13 -50.55
N GLY B 427 -2.14 -12.43 -50.49
CA GLY B 427 -2.62 -13.00 -49.24
C GLY B 427 -1.59 -12.94 -48.14
N LEU B 428 -0.32 -13.18 -48.46
CA LEU B 428 0.73 -13.08 -47.45
C LEU B 428 0.81 -11.66 -46.89
N ILE B 429 0.75 -10.66 -47.77
CA ILE B 429 0.80 -9.27 -47.34
C ILE B 429 -0.39 -8.94 -46.46
N PHE B 430 -1.59 -9.37 -46.89
CA PHE B 430 -2.79 -9.07 -46.11
C PHE B 430 -2.73 -9.72 -44.73
N ARG B 431 -2.29 -10.98 -44.66
CA ARG B 431 -2.22 -11.67 -43.38
C ARG B 431 -1.22 -11.00 -42.46
N PHE B 432 -0.06 -10.62 -43.00
CA PHE B 432 0.93 -9.93 -42.16
C PHE B 432 0.38 -8.63 -41.61
N LYS B 433 -0.23 -7.81 -42.49
CA LYS B 433 -0.76 -6.53 -42.03
C LYS B 433 -1.86 -6.73 -41.00
N PHE B 434 -2.74 -7.70 -41.24
CA PHE B 434 -3.87 -7.95 -40.34
C PHE B 434 -3.39 -8.37 -38.96
N LEU B 435 -2.48 -9.33 -38.89
CA LEU B 435 -1.98 -9.75 -37.60
C LEU B 435 -1.13 -8.67 -36.93
N MET B 436 -0.39 -7.88 -37.72
CA MET B 436 0.39 -6.81 -37.13
C MET B 436 -0.50 -5.76 -36.49
N LEU B 437 -1.57 -5.37 -37.17
CA LEU B 437 -2.50 -4.40 -36.58
C LEU B 437 -3.17 -4.98 -35.34
N ILE B 438 -3.54 -6.26 -35.37
CA ILE B 438 -4.14 -6.85 -34.16
C ILE B 438 -3.14 -6.84 -33.01
N THR B 439 -1.89 -7.20 -33.29
CA THR B 439 -0.88 -7.22 -32.23
C THR B 439 -0.65 -5.83 -31.67
N LEU B 440 -0.57 -4.82 -32.55
CA LEU B 440 -0.38 -3.46 -32.09
C LEU B 440 -1.57 -2.99 -31.25
N ALA B 441 -2.79 -3.33 -31.67
CA ALA B 441 -3.97 -2.93 -30.90
C ALA B 441 -4.00 -3.62 -29.54
N CYS B 442 -3.63 -4.90 -29.49
CA CYS B 442 -3.62 -5.61 -28.22
C CYS B 442 -2.56 -5.04 -27.28
N ALA B 443 -1.37 -4.75 -27.80
CA ALA B 443 -0.33 -4.15 -26.97
C ALA B 443 -0.73 -2.76 -26.49
N ALA B 444 -1.37 -1.98 -27.37
CA ALA B 444 -1.83 -0.65 -26.98
C ALA B 444 -2.87 -0.73 -25.88
N MET B 445 -3.82 -1.66 -26.01
CA MET B 445 -4.82 -1.83 -24.95
C MET B 445 -4.16 -2.25 -23.64
N THR B 446 -3.21 -3.20 -23.71
CA THR B 446 -2.54 -3.65 -22.51
C THR B 446 -1.84 -2.48 -21.80
N VAL B 447 -1.05 -1.71 -22.55
CA VAL B 447 -0.30 -0.61 -21.95
C VAL B 447 -1.24 0.47 -21.45
N ILE B 448 -2.29 0.79 -22.21
CA ILE B 448 -3.20 1.86 -21.83
C ILE B 448 -3.93 1.51 -20.54
N PHE B 449 -4.51 0.31 -20.47
CA PHE B 449 -5.21 -0.08 -19.25
C PHE B 449 -4.26 -0.29 -18.09
N PHE B 450 -3.01 -0.72 -18.35
CA PHE B 450 -2.05 -0.83 -17.26
C PHE B 450 -1.72 0.54 -16.67
N ILE B 451 -1.50 1.54 -17.53
CA ILE B 451 -1.25 2.89 -17.06
C ILE B 451 -2.45 3.42 -16.30
N VAL B 452 -3.66 3.16 -16.82
CA VAL B 452 -4.88 3.64 -16.17
C VAL B 452 -5.01 3.03 -14.78
N SER B 453 -4.76 1.73 -14.65
CA SER B 453 -4.84 1.09 -13.35
C SER B 453 -3.76 1.61 -12.41
N GLN B 454 -2.54 1.83 -12.92
CA GLN B 454 -1.46 2.29 -12.06
C GLN B 454 -1.67 3.72 -11.58
N VAL B 455 -2.37 4.54 -12.35
CA VAL B 455 -2.58 5.93 -11.97
C VAL B 455 -3.87 6.14 -11.18
N THR B 456 -4.85 5.26 -11.34
CA THR B 456 -6.13 5.39 -10.67
C THR B 456 -6.10 4.70 -9.31
N GLU B 457 -6.96 5.17 -8.40
CA GLU B 457 -7.05 4.57 -7.07
C GLU B 457 -7.44 3.10 -7.15
N GLY B 458 -8.33 2.75 -8.07
CA GLY B 458 -8.70 1.36 -8.25
C GLY B 458 -10.17 1.09 -8.51
N HIS B 459 -11.06 1.94 -8.00
CA HIS B 459 -12.49 1.71 -8.14
C HIS B 459 -13.22 3.00 -8.46
N TRP B 460 -14.17 2.91 -9.37
CA TRP B 460 -15.00 4.03 -9.81
C TRP B 460 -16.43 3.87 -9.29
N LYS B 461 -17.18 4.97 -9.38
CA LYS B 461 -18.56 5.02 -8.90
C LYS B 461 -19.43 5.77 -9.90
N TRP B 462 -19.30 5.43 -11.19
CA TRP B 462 -20.13 6.09 -12.19
C TRP B 462 -21.61 5.78 -11.98
N GLY B 463 -21.92 4.60 -11.45
CA GLY B 463 -23.30 4.27 -11.18
C GLY B 463 -23.55 3.97 -9.72
N GLY B 464 -24.54 3.15 -9.44
CA GLY B 464 -24.85 2.75 -8.08
C GLY B 464 -23.99 1.64 -7.52
N VAL B 465 -23.09 1.09 -8.33
CA VAL B 465 -22.21 0.00 -7.91
C VAL B 465 -20.78 0.37 -8.23
N THR B 466 -19.87 0.07 -7.31
CA THR B 466 -18.46 0.31 -7.55
C THR B 466 -17.95 -0.62 -8.65
N VAL B 467 -17.05 -0.10 -9.48
CA VAL B 467 -16.47 -0.84 -10.59
C VAL B 467 -14.97 -0.93 -10.33
N GLN B 468 -14.51 -2.11 -9.92
CA GLN B 468 -13.10 -2.34 -9.62
C GLN B 468 -12.35 -2.49 -10.94
N VAL B 469 -11.63 -1.45 -11.34
CA VAL B 469 -10.87 -1.51 -12.58
C VAL B 469 -9.52 -2.20 -12.39
N ASN B 470 -9.04 -2.32 -11.16
CA ASN B 470 -7.75 -2.96 -10.93
C ASN B 470 -7.80 -4.44 -11.28
N SER B 471 -8.81 -5.16 -10.78
CA SER B 471 -8.97 -6.56 -11.14
C SER B 471 -9.57 -6.71 -12.54
N ALA B 472 -10.31 -5.70 -12.99
CA ALA B 472 -10.81 -5.71 -14.36
C ALA B 472 -9.65 -5.73 -15.35
N PHE B 473 -8.59 -4.97 -15.06
CA PHE B 473 -7.38 -5.05 -15.88
C PHE B 473 -6.86 -6.46 -15.97
N PHE B 474 -6.70 -7.14 -14.84
CA PHE B 474 -6.07 -8.45 -14.85
C PHE B 474 -6.94 -9.46 -15.60
N THR B 475 -8.24 -9.48 -15.32
CA THR B 475 -9.11 -10.41 -16.02
C THR B 475 -9.17 -10.11 -17.51
N GLY B 476 -9.25 -8.82 -17.87
CA GLY B 476 -9.33 -8.47 -19.27
C GLY B 476 -8.07 -8.80 -20.04
N ILE B 477 -6.90 -8.56 -19.45
CA ILE B 477 -5.65 -8.89 -20.11
C ILE B 477 -5.49 -10.40 -20.26
N TYR B 478 -5.83 -11.14 -19.21
CA TYR B 478 -5.80 -12.59 -19.29
C TYR B 478 -6.68 -13.10 -20.43
N GLY B 479 -7.93 -12.63 -20.46
CA GLY B 479 -8.83 -13.06 -21.52
C GLY B 479 -8.38 -12.60 -22.90
N MET B 480 -7.83 -11.40 -22.99
CA MET B 480 -7.39 -10.87 -24.28
C MET B 480 -6.25 -11.70 -24.86
N TRP B 481 -5.28 -12.06 -24.02
CA TRP B 481 -4.17 -12.85 -24.56
C TRP B 481 -4.56 -14.31 -24.78
N ASN B 482 -5.47 -14.85 -23.98
CA ASN B 482 -6.00 -16.18 -24.27
C ASN B 482 -6.74 -16.19 -25.61
N LEU B 483 -7.56 -15.16 -25.86
CA LEU B 483 -8.25 -15.06 -27.13
C LEU B 483 -7.29 -14.77 -28.28
N TYR B 484 -6.19 -14.07 -28.00
CA TYR B 484 -5.16 -13.86 -29.01
C TYR B 484 -4.55 -15.18 -29.45
N VAL B 485 -4.20 -16.03 -28.48
CA VAL B 485 -3.67 -17.35 -28.81
C VAL B 485 -4.73 -18.20 -29.52
N PHE B 486 -5.98 -18.08 -29.09
CA PHE B 486 -7.06 -18.84 -29.71
C PHE B 486 -7.22 -18.45 -31.18
N ALA B 487 -7.24 -17.14 -31.47
CA ALA B 487 -7.32 -16.68 -32.84
C ALA B 487 -6.10 -17.06 -33.65
N LEU B 488 -4.92 -17.06 -33.01
CA LEU B 488 -3.71 -17.50 -33.71
C LEU B 488 -3.82 -18.95 -34.14
N MET B 489 -4.30 -19.81 -33.23
CA MET B 489 -4.40 -21.23 -33.54
C MET B 489 -5.60 -21.56 -34.42
N PHE B 490 -6.59 -20.67 -34.52
CA PHE B 490 -7.74 -20.94 -35.38
C PHE B 490 -7.56 -20.38 -36.78
N LEU B 491 -7.02 -19.17 -36.91
CA LEU B 491 -6.85 -18.57 -38.23
C LEU B 491 -5.74 -19.24 -39.01
N TYR B 492 -4.60 -19.49 -38.37
CA TYR B 492 -3.41 -20.04 -39.02
C TYR B 492 -3.36 -21.55 -38.97
N ALA B 493 -4.51 -22.21 -38.91
CA ALA B 493 -4.62 -23.66 -38.93
C ALA B 493 -4.87 -24.16 -40.34
N PRO B 494 -4.49 -25.39 -40.66
CA PRO B 494 -4.84 -25.97 -41.96
C PRO B 494 -6.35 -26.11 -42.09
N SER B 495 -6.84 -25.89 -43.30
CA SER B 495 -8.26 -25.97 -43.60
C SER B 495 -8.54 -27.11 -44.58
N HIS B 496 -9.79 -27.22 -44.99
CA HIS B 496 -10.18 -28.24 -45.96
C HIS B 496 -9.59 -27.95 -47.33
C1 NAG C . -16.83 41.33 30.56
C2 NAG C . -16.58 42.83 30.79
C3 NAG C . -17.92 43.55 30.99
C4 NAG C . -18.86 43.25 29.83
C5 NAG C . -19.00 41.75 29.63
C6 NAG C . -19.82 41.38 28.41
C7 NAG C . -15.97 42.68 33.19
C8 NAG C . -14.92 43.02 34.20
N2 NAG C . -15.71 43.06 31.93
O3 NAG C . -17.68 44.95 31.07
O4 NAG C . -20.15 43.81 30.10
O5 NAG C . -17.70 41.16 29.44
O6 NAG C . -19.00 41.25 27.25
O7 NAG C . -17.02 42.10 33.50
C1 NAG C . -20.41 44.90 29.19
C2 NAG C . -21.87 45.31 29.34
C3 NAG C . -22.18 46.49 28.44
C4 NAG C . -21.20 47.63 28.71
C5 NAG C . -19.77 47.14 28.59
C6 NAG C . -18.75 48.18 28.96
C7 NAG C . -23.30 43.41 29.98
C8 NAG C . -24.19 42.31 29.50
N2 NAG C . -22.76 44.19 29.04
O3 NAG C . -23.52 46.93 28.67
O4 NAG C . -21.41 48.68 27.76
O5 NAG C . -19.56 46.02 29.48
O6 NAG C . -18.65 49.19 27.95
O7 NAG C . -23.08 43.59 31.18
C1 NAG D . -6.74 2.56 22.71
C2 NAG D . -7.00 1.84 24.03
C3 NAG D . -6.80 2.80 25.20
C4 NAG D . -5.43 3.46 25.11
C5 NAG D . -5.21 4.07 23.72
C6 NAG D . -3.80 4.59 23.53
C7 NAG D . -8.59 0.04 24.50
C8 NAG D . -10.04 -0.40 24.47
N2 NAG D . -8.34 1.27 24.06
O3 NAG D . -6.92 2.08 26.42
O4 NAG D . -5.37 4.53 26.05
O5 NAG D . -5.42 3.08 22.71
O6 NAG D . -3.39 4.47 22.17
O7 NAG D . -7.71 -0.70 24.92
C1 NAG D . -4.65 4.19 27.24
C2 NAG D . -3.99 5.47 27.75
C3 NAG D . -4.43 5.82 29.18
C4 NAG D . -4.38 4.62 30.12
C5 NAG D . -4.84 3.35 29.42
C6 NAG D . -5.80 2.53 30.25
C7 NAG D . -1.82 6.09 26.79
C8 NAG D . -0.34 5.88 26.84
N2 NAG D . -2.55 5.39 27.68
O3 NAG D . -5.76 6.36 29.16
O4 NAG D . -3.06 4.44 30.63
O5 NAG D . -5.53 3.70 28.21
O6 NAG D . -6.38 3.31 31.29
O7 NAG D . -2.34 6.87 26.00
C1 BMA D . -3.12 4.48 32.07
C2 BMA D . -2.31 5.71 32.55
C3 BMA D . -2.38 5.77 34.08
C4 BMA D . -3.83 5.74 34.57
C5 BMA D . -4.58 4.52 33.99
C6 BMA D . -6.05 4.51 34.34
O2 BMA D . -2.88 6.90 32.06
O3 BMA D . -1.72 6.94 34.61
O4 BMA D . -3.87 5.68 35.99
O5 BMA D . -4.46 4.56 32.55
O6 BMA D . -6.18 4.48 35.75
C1 MAN D . -0.37 7.05 34.09
C2 MAN D . 0.53 5.99 34.80
C3 MAN D . 0.84 6.41 36.24
C4 MAN D . 1.28 7.88 36.33
C5 MAN D . 0.22 8.77 35.65
C6 MAN D . 0.59 10.25 35.67
O2 MAN D . 1.80 5.88 34.15
O3 MAN D . 1.86 5.59 36.81
O4 MAN D . 1.42 8.27 37.68
O5 MAN D . 0.10 8.37 34.28
O6 MAN D . 1.67 10.44 34.75
C1 MAN D . 1.30 4.33 37.22
C2 MAN D . 1.92 3.95 38.59
C3 MAN D . 3.40 3.60 38.41
C4 MAN D . 3.59 2.55 37.30
C5 MAN D . 2.96 3.05 36.01
C6 MAN D . 3.04 2.03 34.88
O2 MAN D . 1.31 2.79 39.14
O3 MAN D . 3.97 3.15 39.63
O4 MAN D . 4.97 2.33 37.10
O5 MAN D . 1.56 3.33 36.25
O6 MAN D . 2.18 0.95 35.20
C1 MAN D . -6.36 3.11 36.18
C2 MAN D . -7.84 2.94 36.60
C3 MAN D . -8.09 1.53 37.17
C4 MAN D . -7.00 1.10 38.19
C5 MAN D . -5.56 1.44 37.73
C6 MAN D . -5.01 0.51 36.66
O2 MAN D . -8.73 3.06 35.48
O3 MAN D . -8.22 0.56 36.14
O4 MAN D . -7.26 1.68 39.46
O5 MAN D . -5.48 2.80 37.23
O6 MAN D . -3.64 0.83 36.44
C1 PLM E . 10.89 -12.65 -13.09
O2 PLM E . 11.94 -13.08 -12.75
C2 PLM E . 10.14 -13.28 -14.25
C3 PLM E . 10.40 -14.77 -14.42
C4 PLM E . 11.65 -15.08 -15.25
C5 PLM E . 11.32 -15.85 -16.52
C6 PLM E . 11.65 -17.33 -16.39
C7 PLM E . 12.59 -17.81 -17.50
C8 PLM E . 11.87 -18.68 -18.53
C9 PLM E . 12.72 -18.95 -19.77
CA PLM E . 11.94 -18.77 -21.06
CB PLM E . 11.98 -20.01 -21.95
CC PLM E . 11.42 -19.75 -23.34
CD PLM E . 12.43 -19.04 -24.25
CE PLM E . 11.96 -18.97 -25.70
CF PLM E . 13.07 -18.53 -26.65
CG PLM E . 13.60 -19.68 -27.49
CBX DR9 F . 14.61 -10.25 -23.27
CBV DR9 F . 13.15 -10.66 -23.14
CBS DR9 F . 13.02 -11.77 -22.10
CBH DR9 F . 11.55 -11.91 -21.71
CAQ DR9 F . 11.44 -12.71 -20.42
CAP DR9 F . 10.13 -12.35 -19.72
CAO DR9 F . 10.19 -12.76 -18.25
CAN DR9 F . 9.17 -11.98 -17.44
CAM DR9 F . 9.11 -10.53 -17.90
CAL DR9 F . 9.45 -9.56 -17.07
CAK DR9 F . 9.90 -9.88 -15.65
CAJ DR9 F . 9.48 -8.75 -14.72
CAI DR9 F . 10.01 -7.43 -15.26
CAH DR9 F . 10.82 -6.71 -14.18
CAG DR9 F . 12.13 -7.44 -13.94
CAF DR9 F . 12.52 -7.32 -12.46
CAE DR9 F . 12.48 -5.84 -12.06
CAD DR9 F . 12.44 -5.74 -10.53
OAA DR9 F . 12.49 -6.72 -9.88
OAC DR9 F . 12.33 -4.49 -9.93
CAB DR9 F . 12.41 -4.54 -8.53
CBE DR9 F . 13.51 -3.61 -8.05
CBK DR9 F . 13.12 -3.04 -6.69
OBL DR9 F . 13.85 -1.88 -6.43
PBM DR9 F . 13.51 -1.01 -5.06
OBU DR9 F . 14.20 0.33 -5.15
OBF DR9 F . 14.03 -1.76 -3.86
OBN DR9 F . 11.88 -0.80 -4.92
CBO DR9 F . 11.18 -1.62 -4.04
CBP DR9 F . 9.93 -2.15 -4.74
OBG DR9 F . 8.79 -1.79 -4.01
CBQ DR9 F . 10.01 -3.68 -4.81
OBR DR9 F . 8.86 -4.18 -5.43
OBD DR9 F . 13.65 -2.56 -8.97
CBC DR9 F . 14.89 -2.54 -9.62
OBJ DR9 F . 15.69 -3.40 -9.42
CBB DR9 F . 15.22 -1.40 -10.58
CBA DR9 F . 14.81 -1.80 -12.00
CAZ DR9 F . 15.13 -0.65 -12.97
CAY DR9 F . 15.63 -1.22 -14.29
CAX DR9 F . 16.55 -0.19 -14.96
CAW DR9 F . 17.84 -0.87 -15.41
CAV DR9 F . 17.76 -1.19 -16.89
CAU DR9 F . 18.58 -0.16 -17.68
CAT DR9 F . 18.41 -0.01 -18.97
CAS DR9 F . 17.39 -0.89 -19.72
CAR DR9 F . 16.16 -0.07 -20.07
CBI DR9 F . 14.97 -0.56 -19.24
CBT DR9 F . 13.69 -0.41 -20.04
CBW DR9 F . 13.67 -1.44 -21.18
CBY DR9 F . 12.85 -0.89 -22.33
CBX DR9 G . 3.97 -6.90 -34.63
CBV DR9 G . 4.85 -6.85 -33.39
CBS DR9 G . 4.36 -5.75 -32.45
CBH DR9 G . 5.27 -5.70 -31.21
CAQ DR9 G . 4.67 -4.76 -30.17
CAP DR9 G . 5.54 -4.78 -28.92
CAO DR9 G . 4.78 -4.20 -27.74
CAN DR9 G . 5.54 -4.47 -26.44
CAM DR9 G . 4.57 -4.83 -25.32
CAL DR9 G . 3.81 -5.91 -25.42
CAK DR9 G . 2.84 -6.27 -24.30
CAJ DR9 G . 2.83 -7.78 -24.13
CAI DR9 G . 2.33 -8.13 -22.73
CAH DR9 G . 1.64 -9.50 -22.75
CAG DR9 G . 1.02 -9.77 -21.39
CAF DR9 G . 0.48 -11.20 -21.33
CAE DR9 G . -0.01 -11.51 -19.93
CAD DR9 G . -0.38 -12.99 -19.83
OAA DR9 G . -0.98 -13.51 -20.70
OAC DR9 G . 0.00 -13.72 -18.70
CAB DR9 G . -1.08 -14.24 -17.97
CBE DR9 G . -0.88 -13.92 -16.49
CBK DR9 G . -1.45 -15.06 -15.64
OBL DR9 G . -1.26 -14.75 -14.29
PBM DR9 G . -1.17 -15.98 -13.21
OBU DR9 G . -2.31 -16.94 -13.41
OBF DR9 G . 0.14 -16.70 -13.39
OBN DR9 G . -1.23 -15.36 -11.68
CBO DR9 G . -0.75 -14.06 -11.47
CBP DR9 G . -1.93 -13.11 -11.31
OBG DR9 G . -1.52 -11.79 -11.56
CBQ DR9 G . -2.47 -13.19 -9.87
OBR DR9 G . -2.08 -14.41 -9.31
OBD DR9 G . -1.55 -12.73 -16.17
CBC DR9 G . -0.69 -11.64 -16.01
OBJ DR9 G . 0.48 -11.80 -16.03
CBB DR9 G . -1.27 -10.24 -15.82
CBA DR9 G . -0.14 -9.29 -15.42
CAZ DR9 G . -0.16 -8.06 -16.32
CAY DR9 G . 0.75 -8.27 -17.53
CAX DR9 G . 1.95 -7.34 -17.44
CAW DR9 G . 1.53 -5.97 -16.93
CAV DR9 G . 2.39 -4.88 -17.57
CAU DR9 G . 2.41 -5.06 -19.08
CAT DR9 G . 3.20 -4.31 -19.83
CAS DR9 G . 4.11 -3.26 -19.18
CAR DR9 G . 3.59 -1.87 -19.54
CBI DR9 G . 4.71 -0.85 -19.38
CBT DR9 G . 4.12 0.51 -19.00
CBW DR9 G . 5.00 1.61 -19.56
CBY DR9 G . 5.10 2.75 -18.55
CBX DR9 H . -11.14 -8.40 -29.49
CBV DR9 H . -11.04 -9.63 -28.61
CBS DR9 H . -9.90 -10.53 -29.10
CBH DR9 H . -8.57 -9.84 -28.87
CAQ DR9 H . -7.70 -9.97 -30.11
CAP DR9 H . -7.59 -11.44 -30.50
CAO DR9 H . -7.33 -11.55 -32.00
CAN DR9 H . -8.46 -10.88 -32.77
CAM DR9 H . -8.84 -11.73 -33.99
CAL DR9 H . -9.73 -11.28 -34.85
CAK DR9 H . -10.39 -9.92 -34.62
CAJ DR9 H . -10.13 -9.03 -35.84
CAI DR9 H . -11.25 -8.01 -35.96
CAH DR9 H . -11.96 -8.20 -37.31
CAG DR9 H . -10.94 -8.04 -38.43
CAF DR9 H . -11.66 -7.85 -39.76
CAE DR9 H . -10.67 -7.31 -40.79
CAD DR9 H . -11.42 -6.88 -42.04
OAA DR9 H . -12.51 -7.31 -42.26
OAC DR9 H . -10.82 -5.98 -42.93
CAB DR9 H . -9.61 -6.43 -43.47
CBE DR9 H . -8.93 -5.29 -44.22
CBK DR9 H . -9.46 -5.25 -45.64
OBL DR9 H . -8.95 -6.35 -46.33
PBM DR9 H . -9.25 -6.49 -47.95
OBU DR9 H . -10.71 -6.22 -48.22
OBF DR9 H . -8.41 -5.48 -48.71
OBN DR9 H . -8.86 -8.01 -48.45
CBO DR9 H . -9.79 -9.03 -48.22
CBP DR9 H . -9.08 -10.23 -47.62
OBG DR9 H . -8.59 -11.06 -48.64
CBQ DR9 H . -10.05 -11.03 -46.74
OBR DR9 H . -9.96 -12.38 -47.08
OBD DR9 H . -7.55 -5.51 -44.26
CBC DR9 H . -6.89 -5.44 -43.03
OBJ DR9 H . -6.15 -6.31 -42.71
CBB DR9 H . -7.09 -4.24 -42.11
CBA DR9 H . -6.54 -4.57 -40.72
CAZ DR9 H . -7.58 -5.38 -39.94
CAY DR9 H . -7.12 -5.51 -38.49
CAX DR9 H . -8.02 -4.69 -37.59
CAW DR9 H . -7.44 -4.67 -36.17
CAV DR9 H . -8.57 -4.55 -35.16
CAU DR9 H . -8.08 -4.98 -33.78
CAT DR9 H . -8.86 -5.67 -32.98
CAS DR9 H . -8.35 -6.09 -31.60
CAR DR9 H . -9.18 -5.39 -30.52
CBI DR9 H . -8.46 -5.49 -29.18
CBT DR9 H . -9.48 -5.45 -28.04
CBW DR9 H . -10.43 -4.26 -28.24
CBY DR9 H . -11.14 -3.96 -26.92
CAA Y01 I . 1.93 -29.08 -18.31
CBA Y01 I . 1.76 -28.37 -19.67
CAB Y01 I . 0.26 -27.99 -19.87
CAN Y01 I . 2.25 -29.32 -20.83
CAJ Y01 I . 1.08 -30.13 -21.42
CAO Y01 I . 1.57 -30.96 -22.63
CBB Y01 I . 0.35 -31.29 -23.63
CAC Y01 I . -0.73 -30.12 -23.51
CBE Y01 I . 0.81 -31.38 -24.93
CAP Y01 I . 2.30 -32.04 -24.94
CAQ Y01 I . 2.19 -33.50 -26.01
CBG Y01 I . 0.86 -33.12 -26.99
CBI Y01 I . -0.19 -32.38 -25.91
CAE Y01 I . -0.68 -33.47 -24.94
CAU Y01 I . -1.20 -31.93 -26.48
CAS Y01 I . -1.65 -32.56 -27.36
CBF Y01 I . -0.58 -33.19 -28.33
CBD Y01 I . 0.43 -33.76 -27.62
CAK Y01 I . 1.27 -34.34 -28.36
CAI Y01 I . 0.58 -35.47 -29.36
CAZ Y01 I . -0.59 -35.06 -30.01
CAV Y01 I . -1.34 -36.01 -31.04
CBH Y01 I . -1.38 -34.30 -29.35
CAD Y01 I . -2.28 -35.23 -28.43
CAT Y01 I . -2.38 -33.46 -30.36
CAR Y01 I . -3.14 -34.37 -31.30
CBC Y01 I . -2.34 -35.25 -31.98
OAW Y01 I . -3.23 -36.26 -32.63
CAY Y01 I . -2.74 -36.79 -33.89
OAG Y01 I . -1.62 -36.59 -34.22
CAM Y01 I . -3.68 -37.63 -34.80
CAL Y01 I . -2.91 -38.13 -36.05
CAX Y01 I . -3.89 -38.24 -37.24
OAH Y01 I . -4.10 -37.25 -37.98
OAF Y01 I . -4.48 -39.35 -37.47
#